data_8W34
#
_entry.id   8W34
#
_cell.length_a   1.00
_cell.length_b   1.00
_cell.length_c   1.00
_cell.angle_alpha   90.00
_cell.angle_beta   90.00
_cell.angle_gamma   90.00
#
_symmetry.space_group_name_H-M   'P 1'
#
loop_
_entity.id
_entity.type
_entity.pdbx_description
1 polymer Integrase
2 polymer "DNA (5'-D(*AP*CP*TP*GP*CP*TP*AP*GP*AP*GP*AP*TP*TP*TP*TP*CP*CP*AP*C)-3')"
3 polymer "DNA (5'-D(P*GP*TP*GP*GP*AP*AP*AP*AP*TP*CP*TP*CP*TP*AP*GP*CP*A)-3')"
4 non-polymer 'ZINC ION'
5 non-polymer "(4R,12aS)-N-(2,4-difluorobenzyl)-7-hydroxy-4-methyl-6,8-dioxo-3,4,6,8,12,12a-hexahydro-2H-pyrido[1',2':4,5]pyrazino[2,1-b][1,3]oxazine-9-carboxamide"
6 non-polymer 'MAGNESIUM ION'
#
loop_
_entity_poly.entity_id
_entity_poly.type
_entity_poly.pdbx_seq_one_letter_code
_entity_poly.pdbx_strand_id
1 'polypeptide(L)'
;FLDGIDKAQEEHEKYHSNWRAMASDFNLPPVVAKEIVASCDKCQLKGEAMHGQVDCSPGIWQLDCTHLEGKVILVAVHVA
SGYIEAEVIPAETGQETAYFLLKLAGRWPVKTVHTDNGSNFTSTTVKAACWWAGIKQEFGIPYNPQSQGVIESMNKELKK
IIGQVRDQAEHLKTAVQMAVFIHNFKRKGGIGGYSAGERIVDIIATDIQTKELQKQITKIQNFRVYYRDSRDPVWKGPAK
LLWKGEGAVVIQDNSDIKVVPRRKAKIIRDYGKQMAGDDCVASRQDED
;
A,B,C,D,I,K,L,M
2 'polydeoxyribonucleotide'
;(DA)(DC)(DT)(DG)(DC)(DT)(DA)(DG)(DA)(DG)(DA)(DT)(DT)(DT)(DT)(DC)(DC)(DA)(DC)(DA)
(DC)(DT)(DT)(DT)(DT)(DT)(DT)(DT)(DT)(DT)(DT)(DT)(DT)(DT)(DT)(DT)(DT)(DT)(DT)(DT)
(DT)(DT)(DT)(DT)(DT)(DT)(DT)(DT)(DT)(DT)(DT)(DT)(DT)(DT)(DT)(DT)(DT)(DT)(DT)(DT)
(DT)(DT)(DT)(DT)(DT)(DT)(DT)(DT)(DT)(DT)(DT)(DT)(DT)(DT)(DT)(DT)(DT)(DT)(DT)(DT)
(DT)(DT)(DT)(DT)(DT)(DT)(DT)(DT)(DT)(DT)
;
E,N
3 'polydeoxyribonucleotide'
;(DA)(DA)(DA)(DA)(DA)(DA)(DA)(DA)(DG)(DT)(DG)(DT)(DG)(DG)(DA)(DA)(DA)(DA)(DT)(DC)
(DT)(DC)(DT)(DA)(DG)(DC)(DA)
;
F,O
#
# COMPACT_ATOMS: atom_id res chain seq x y z
N PHE A 1 -29.77 20.25 -21.51
CA PHE A 1 -28.73 20.69 -20.54
C PHE A 1 -27.64 21.49 -21.23
N LEU A 2 -27.90 21.94 -22.45
CA LEU A 2 -26.86 22.60 -23.22
C LEU A 2 -26.42 23.91 -22.57
N ASP A 3 -27.37 24.67 -22.03
CA ASP A 3 -27.00 25.87 -21.28
C ASP A 3 -26.26 25.51 -20.00
N GLY A 4 -26.59 24.37 -19.41
CA GLY A 4 -25.84 23.89 -18.27
C GLY A 4 -24.37 23.72 -18.57
N ILE A 5 -24.03 23.42 -19.83
CA ILE A 5 -22.62 23.27 -20.19
C ILE A 5 -21.87 24.57 -19.99
N ASP A 6 -22.43 25.68 -20.50
CA ASP A 6 -21.78 26.97 -20.33
C ASP A 6 -21.76 27.39 -18.87
N LYS A 7 -22.87 27.19 -18.16
CA LYS A 7 -22.90 27.54 -16.75
C LYS A 7 -21.83 26.78 -15.98
N ALA A 8 -21.70 25.47 -16.24
CA ALA A 8 -20.70 24.66 -15.56
C ALA A 8 -19.29 25.04 -15.98
N GLN A 9 -19.09 25.43 -17.24
CA GLN A 9 -17.76 25.86 -17.67
C GLN A 9 -17.32 27.11 -16.91
N GLU A 10 -18.22 28.09 -16.76
CA GLU A 10 -17.88 29.25 -15.95
C GLU A 10 -17.65 28.87 -14.49
N GLU A 11 -18.52 28.01 -13.95
CA GLU A 11 -18.36 27.56 -12.57
C GLU A 11 -17.01 26.89 -12.35
N HIS A 12 -16.56 26.12 -13.33
CA HIS A 12 -15.27 25.44 -13.20
C HIS A 12 -14.10 26.41 -13.37
N GLU A 13 -14.23 27.34 -14.33
CA GLU A 13 -13.20 28.36 -14.48
C GLU A 13 -12.99 29.11 -13.17
N LYS A 14 -14.06 29.31 -12.41
CA LYS A 14 -13.93 29.97 -11.11
C LYS A 14 -13.40 29.01 -10.05
N TYR A 15 -14.13 27.94 -9.76
CA TYR A 15 -13.90 27.11 -8.58
C TYR A 15 -13.13 25.83 -8.88
N HIS A 16 -13.06 25.40 -10.13
CA HIS A 16 -12.43 24.13 -10.49
C HIS A 16 -13.09 22.97 -9.76
N SER A 17 -14.39 22.79 -10.04
CA SER A 17 -15.16 21.72 -9.45
C SER A 17 -14.91 20.41 -10.19
N ASN A 18 -15.00 19.30 -9.46
CA ASN A 18 -14.86 18.00 -10.08
C ASN A 18 -16.14 17.62 -10.82
N TRP A 19 -16.06 16.57 -11.63
CA TRP A 19 -17.16 16.25 -12.52
C TRP A 19 -18.43 15.90 -11.76
N ARG A 20 -18.31 15.30 -10.57
CA ARG A 20 -19.49 14.99 -9.78
C ARG A 20 -20.26 16.25 -9.41
N ALA A 21 -19.54 17.28 -8.96
CA ALA A 21 -20.21 18.52 -8.55
C ALA A 21 -20.91 19.17 -9.73
N MET A 22 -20.25 19.26 -10.88
CA MET A 22 -20.88 19.87 -12.04
C MET A 22 -22.08 19.06 -12.51
N ALA A 23 -21.95 17.73 -12.53
CA ALA A 23 -23.07 16.90 -12.94
C ALA A 23 -24.26 17.09 -12.02
N SER A 24 -24.02 17.15 -10.71
CA SER A 24 -25.12 17.26 -9.77
C SER A 24 -25.76 18.65 -9.82
N ASP A 25 -24.95 19.70 -9.91
CA ASP A 25 -25.46 21.06 -9.82
C ASP A 25 -25.81 21.67 -11.17
N PHE A 26 -25.66 20.93 -12.27
CA PHE A 26 -26.06 21.43 -13.57
C PHE A 26 -26.74 20.37 -14.42
N ASN A 27 -27.09 19.21 -13.84
CA ASN A 27 -27.79 18.16 -14.58
C ASN A 27 -27.02 17.74 -15.83
N LEU A 28 -25.70 17.75 -15.73
CA LEU A 28 -24.91 17.31 -16.87
C LEU A 28 -24.74 15.80 -16.84
N PRO A 29 -24.70 15.13 -17.99
CA PRO A 29 -24.32 13.73 -17.99
C PRO A 29 -22.89 13.58 -17.54
N PRO A 30 -22.54 12.45 -16.91
CA PRO A 30 -21.16 12.30 -16.42
C PRO A 30 -20.12 12.45 -17.51
N VAL A 31 -20.41 12.04 -18.74
CA VAL A 31 -19.42 12.18 -19.82
C VAL A 31 -19.09 13.65 -20.06
N VAL A 32 -20.10 14.51 -20.09
CA VAL A 32 -19.87 15.92 -20.38
C VAL A 32 -19.13 16.59 -19.24
N ALA A 33 -19.49 16.27 -18.00
CA ALA A 33 -18.77 16.82 -16.85
C ALA A 33 -17.31 16.39 -16.87
N LYS A 34 -17.06 15.11 -17.15
CA LYS A 34 -15.69 14.63 -17.21
C LYS A 34 -14.92 15.30 -18.34
N GLU A 35 -15.57 15.55 -19.47
CA GLU A 35 -14.91 16.28 -20.54
C GLU A 35 -14.57 17.69 -20.13
N ILE A 36 -15.47 18.36 -19.40
CA ILE A 36 -15.20 19.72 -18.94
C ILE A 36 -14.00 19.72 -18.01
N VAL A 37 -13.94 18.76 -17.09
CA VAL A 37 -12.79 18.68 -16.18
C VAL A 37 -11.51 18.40 -16.98
N ALA A 38 -11.58 17.48 -17.94
CA ALA A 38 -10.39 17.06 -18.67
C ALA A 38 -9.88 18.13 -19.62
N SER A 39 -10.67 19.17 -19.89
CA SER A 39 -10.23 20.28 -20.72
C SER A 39 -9.51 21.35 -19.93
N CYS A 40 -9.42 21.21 -18.61
CA CYS A 40 -8.81 22.20 -17.75
C CYS A 40 -7.37 21.77 -17.44
N ASP A 41 -6.41 22.59 -17.85
CA ASP A 41 -5.01 22.26 -17.63
C ASP A 41 -4.67 22.24 -16.14
N LYS A 42 -5.36 23.03 -15.33
CA LYS A 42 -5.04 23.14 -13.92
C LYS A 42 -5.55 21.98 -13.09
N CYS A 43 -6.43 21.15 -13.63
CA CYS A 43 -6.99 20.02 -12.90
C CYS A 43 -6.31 18.70 -13.24
N GLN A 44 -5.20 18.73 -13.98
CA GLN A 44 -4.43 17.51 -14.32
C GLN A 44 -3.27 17.42 -13.32
N LEU A 45 -3.56 16.86 -12.14
CA LEU A 45 -2.63 16.86 -11.02
C LEU A 45 -2.48 15.48 -10.38
N LYS A 46 -2.80 14.41 -11.11
CA LYS A 46 -2.66 13.07 -10.55
C LYS A 46 -2.33 12.09 -11.66
N GLY A 47 -1.39 11.19 -11.39
CA GLY A 47 -0.97 10.20 -12.35
C GLY A 47 -1.67 8.87 -12.15
N GLU A 48 -1.34 7.92 -13.02
CA GLU A 48 -1.95 6.60 -12.97
C GLU A 48 -1.59 5.90 -11.65
N ALA A 49 -2.57 5.18 -11.11
CA ALA A 49 -2.38 4.46 -9.85
C ALA A 49 -1.94 3.03 -10.16
N MET A 50 -0.67 2.88 -10.50
CA MET A 50 -0.10 1.58 -10.81
C MET A 50 1.38 1.62 -10.49
N HIS A 51 2.02 0.46 -10.59
CA HIS A 51 3.46 0.34 -10.47
C HIS A 51 3.98 -0.53 -11.61
N GLY A 52 5.12 -0.16 -12.16
CA GLY A 52 5.78 -0.96 -13.15
C GLY A 52 6.46 -2.16 -12.53
N GLN A 53 7.17 -2.91 -13.37
CA GLN A 53 7.90 -4.10 -12.93
C GLN A 53 9.31 -4.04 -13.49
N VAL A 54 10.31 -4.14 -12.60
CA VAL A 54 11.69 -4.05 -13.05
C VAL A 54 12.09 -5.32 -13.78
N ASP A 55 13.17 -5.21 -14.55
CA ASP A 55 13.72 -6.36 -15.25
C ASP A 55 14.31 -7.36 -14.27
N CYS A 56 14.04 -8.64 -14.49
CA CYS A 56 14.50 -9.72 -13.62
C CYS A 56 15.16 -10.82 -14.42
N SER A 57 15.86 -10.45 -15.50
CA SER A 57 16.59 -11.43 -16.28
C SER A 57 17.77 -11.97 -15.49
N PRO A 58 18.28 -13.14 -15.87
CA PRO A 58 19.37 -13.74 -15.07
C PRO A 58 20.65 -12.93 -15.07
N GLY A 59 20.85 -12.03 -16.04
CA GLY A 59 22.12 -11.35 -16.16
C GLY A 59 22.12 -9.88 -15.80
N ILE A 60 21.10 -9.43 -15.06
CA ILE A 60 20.96 -8.01 -14.71
C ILE A 60 21.30 -7.85 -13.23
N TRP A 61 22.19 -6.90 -12.94
CA TRP A 61 22.55 -6.52 -11.59
C TRP A 61 22.17 -5.07 -11.35
N GLN A 62 21.65 -4.78 -10.16
CA GLN A 62 21.30 -3.43 -9.77
C GLN A 62 22.30 -2.94 -8.73
N LEU A 63 22.91 -1.79 -8.97
CA LEU A 63 23.93 -1.24 -8.10
C LEU A 63 23.47 0.08 -7.50
N ASP A 64 23.95 0.37 -6.30
CA ASP A 64 23.63 1.61 -5.62
C ASP A 64 24.73 1.92 -4.61
N CYS A 65 24.74 3.15 -4.13
CA CYS A 65 25.63 3.59 -3.07
C CYS A 65 24.79 4.00 -1.88
N THR A 66 24.98 3.35 -0.75
CA THR A 66 24.35 3.74 0.50
C THR A 66 25.41 4.29 1.44
N HIS A 67 24.97 4.93 2.51
CA HIS A 67 25.86 5.57 3.46
C HIS A 67 25.59 5.06 4.85
N LEU A 68 26.64 4.90 5.64
CA LEU A 68 26.50 4.38 7.00
C LEU A 68 27.70 4.81 7.82
N GLU A 69 27.43 5.51 8.93
CA GLU A 69 28.47 5.93 9.86
C GLU A 69 29.53 6.79 9.16
N GLY A 70 29.09 7.60 8.19
CA GLY A 70 30.00 8.44 7.46
C GLY A 70 30.77 7.74 6.37
N LYS A 71 30.56 6.45 6.18
CA LYS A 71 31.24 5.67 5.15
C LYS A 71 30.29 5.43 3.98
N VAL A 72 30.89 5.10 2.84
CA VAL A 72 30.17 4.81 1.60
C VAL A 72 30.24 3.31 1.36
N ILE A 73 29.09 2.68 1.21
CA ILE A 73 28.98 1.27 0.91
C ILE A 73 28.39 1.13 -0.49
N LEU A 74 29.15 0.53 -1.40
CA LEU A 74 28.67 0.24 -2.74
C LEU A 74 28.11 -1.17 -2.76
N VAL A 75 26.83 -1.29 -3.13
CA VAL A 75 26.09 -2.53 -3.03
C VAL A 75 25.56 -2.90 -4.41
N ALA A 76 25.80 -4.14 -4.83
CA ALA A 76 25.25 -4.72 -6.03
C ALA A 76 24.37 -5.89 -5.65
N VAL A 77 23.26 -6.08 -6.38
CA VAL A 77 22.34 -7.16 -6.14
C VAL A 77 22.01 -7.83 -7.47
N HIS A 78 22.00 -9.16 -7.47
CA HIS A 78 21.51 -9.93 -8.61
C HIS A 78 19.99 -9.96 -8.53
N VAL A 79 19.32 -9.35 -9.52
CA VAL A 79 17.89 -9.12 -9.41
C VAL A 79 17.14 -10.45 -9.37
N ALA A 80 17.58 -11.42 -10.15
CA ALA A 80 16.83 -12.67 -10.26
C ALA A 80 16.94 -13.55 -9.02
N SER A 81 17.95 -13.34 -8.18
CA SER A 81 18.20 -14.22 -7.04
C SER A 81 18.27 -13.52 -5.70
N GLY A 82 18.50 -12.21 -5.64
CA GLY A 82 18.69 -11.54 -4.37
C GLY A 82 20.09 -11.64 -3.81
N TYR A 83 21.02 -12.21 -4.56
CA TYR A 83 22.41 -12.33 -4.12
C TYR A 83 23.08 -10.97 -4.17
N ILE A 84 23.75 -10.60 -3.08
CA ILE A 84 24.32 -9.26 -2.94
C ILE A 84 25.83 -9.34 -2.75
N GLU A 85 26.50 -8.29 -3.19
CA GLU A 85 27.89 -8.03 -2.85
C GLU A 85 28.04 -6.58 -2.44
N ALA A 86 28.77 -6.33 -1.36
CA ALA A 86 28.87 -4.99 -0.81
C ALA A 86 30.32 -4.71 -0.43
N GLU A 87 30.80 -3.52 -0.75
CA GLU A 87 32.14 -3.11 -0.39
C GLU A 87 32.13 -1.68 0.12
N VAL A 88 32.81 -1.45 1.24
CA VAL A 88 33.01 -0.10 1.75
C VAL A 88 34.11 0.55 0.90
N ILE A 89 33.74 1.59 0.15
CA ILE A 89 34.68 2.25 -0.74
C ILE A 89 35.07 3.61 -0.14
N PRO A 90 36.31 4.07 -0.35
CA PRO A 90 36.72 5.33 0.30
C PRO A 90 35.90 6.54 -0.10
N ALA A 91 35.40 6.60 -1.33
CA ALA A 91 34.60 7.74 -1.77
C ALA A 91 33.76 7.33 -2.96
N GLU A 92 32.69 8.10 -3.18
CA GLU A 92 31.79 7.89 -4.33
C GLU A 92 32.47 8.46 -5.57
N THR A 93 33.41 7.69 -6.12
CA THR A 93 34.16 8.10 -7.28
C THR A 93 33.94 7.10 -8.42
N GLY A 94 34.22 7.56 -9.63
CA GLY A 94 34.13 6.67 -10.78
C GLY A 94 35.17 5.56 -10.74
N GLN A 95 36.36 5.85 -10.23
CA GLN A 95 37.41 4.85 -10.17
C GLN A 95 37.01 3.68 -9.27
N GLU A 96 36.50 3.99 -8.07
CA GLU A 96 36.11 2.94 -7.15
C GLU A 96 34.98 2.09 -7.71
N THR A 97 33.98 2.74 -8.33
CA THR A 97 32.87 1.99 -8.90
C THR A 97 33.33 1.14 -10.08
N ALA A 98 34.25 1.65 -10.90
CA ALA A 98 34.76 0.85 -12.01
C ALA A 98 35.53 -0.36 -11.50
N TYR A 99 36.34 -0.17 -10.45
CA TYR A 99 37.03 -1.30 -9.85
C TYR A 99 36.05 -2.33 -9.30
N PHE A 100 35.02 -1.86 -8.60
CA PHE A 100 34.01 -2.76 -8.06
C PHE A 100 33.31 -3.52 -9.18
N LEU A 101 33.02 -2.84 -10.28
CA LEU A 101 32.32 -3.47 -11.39
C LEU A 101 33.21 -4.49 -12.09
N LEU A 102 34.50 -4.19 -12.26
CA LEU A 102 35.40 -5.17 -12.86
C LEU A 102 35.53 -6.40 -11.97
N LYS A 103 35.65 -6.19 -10.65
CA LYS A 103 35.64 -7.33 -9.73
C LYS A 103 34.38 -8.15 -9.89
N LEU A 104 33.23 -7.49 -9.89
CA LEU A 104 31.96 -8.21 -9.99
C LEU A 104 31.86 -8.99 -11.29
N ALA A 105 32.28 -8.38 -12.40
CA ALA A 105 32.21 -9.04 -13.69
C ALA A 105 33.19 -10.19 -13.79
N GLY A 106 34.29 -10.14 -13.02
CA GLY A 106 35.24 -11.24 -13.02
C GLY A 106 34.78 -12.45 -12.24
N ARG A 107 33.81 -12.29 -11.35
CA ARG A 107 33.31 -13.39 -10.54
C ARG A 107 32.05 -14.04 -11.11
N TRP A 108 31.08 -13.24 -11.53
CA TRP A 108 29.80 -13.72 -12.01
C TRP A 108 29.54 -13.17 -13.40
N PRO A 109 28.67 -13.83 -14.18
CA PRO A 109 28.35 -13.36 -15.53
C PRO A 109 27.41 -12.15 -15.57
N VAL A 110 27.99 -10.97 -15.42
CA VAL A 110 27.24 -9.73 -15.48
C VAL A 110 27.05 -9.33 -16.94
N LYS A 111 25.79 -9.24 -17.38
CA LYS A 111 25.48 -8.82 -18.74
C LYS A 111 24.96 -7.39 -18.81
N THR A 112 24.20 -6.95 -17.82
CA THR A 112 23.74 -5.57 -17.76
C THR A 112 23.70 -5.11 -16.31
N VAL A 113 24.00 -3.84 -16.11
CA VAL A 113 23.94 -3.20 -14.80
C VAL A 113 22.94 -2.06 -14.86
N HIS A 114 22.03 -2.02 -13.90
CA HIS A 114 21.03 -0.98 -13.80
C HIS A 114 21.32 -0.13 -12.57
N THR A 115 21.37 1.19 -12.75
CA THR A 115 21.82 2.08 -11.69
C THR A 115 21.06 3.40 -11.78
N ASP A 116 21.09 4.15 -10.68
CA ASP A 116 20.62 5.52 -10.72
C ASP A 116 21.62 6.38 -11.49
N ASN A 117 21.34 7.68 -11.58
CA ASN A 117 22.17 8.61 -12.32
C ASN A 117 23.23 9.26 -11.45
N GLY A 118 23.66 8.61 -10.38
CA GLY A 118 24.72 9.16 -9.56
C GLY A 118 25.98 9.43 -10.37
N SER A 119 26.74 10.44 -9.95
CA SER A 119 27.88 10.87 -10.74
C SER A 119 28.87 9.75 -10.97
N ASN A 120 29.07 8.89 -9.97
CA ASN A 120 30.02 7.80 -10.12
C ASN A 120 29.58 6.82 -11.20
N PHE A 121 28.28 6.51 -11.25
CA PHE A 121 27.79 5.54 -12.23
C PHE A 121 27.80 6.11 -13.64
N THR A 122 27.69 7.43 -13.78
CA THR A 122 27.64 8.06 -15.09
C THR A 122 29.00 8.51 -15.59
N SER A 123 30.07 8.26 -14.82
CA SER A 123 31.40 8.70 -15.22
C SER A 123 31.91 7.88 -16.40
N THR A 124 32.82 8.48 -17.17
CA THR A 124 33.41 7.78 -18.30
C THR A 124 34.27 6.61 -17.87
N THR A 125 34.73 6.58 -16.62
CA THR A 125 35.50 5.45 -16.13
C THR A 125 34.63 4.20 -16.04
N VAL A 126 33.43 4.32 -15.48
CA VAL A 126 32.52 3.19 -15.43
C VAL A 126 32.08 2.80 -16.82
N LYS A 127 31.92 3.77 -17.73
CA LYS A 127 31.59 3.45 -19.11
C LYS A 127 32.69 2.61 -19.75
N ALA A 128 33.95 2.99 -19.54
CA ALA A 128 35.06 2.23 -20.10
C ALA A 128 35.12 0.84 -19.50
N ALA A 129 34.92 0.74 -18.18
CA ALA A 129 34.97 -0.56 -17.53
C ALA A 129 33.87 -1.48 -18.06
N CYS A 130 32.66 -0.93 -18.25
CA CYS A 130 31.57 -1.74 -18.79
C CYS A 130 31.85 -2.12 -20.24
N TRP A 131 32.42 -1.21 -21.03
CA TRP A 131 32.74 -1.53 -22.41
C TRP A 131 33.75 -2.66 -22.49
N TRP A 132 34.79 -2.62 -21.66
CA TRP A 132 35.79 -3.66 -21.69
C TRP A 132 35.19 -5.02 -21.33
N ALA A 133 34.37 -5.06 -20.29
CA ALA A 133 33.76 -6.30 -19.84
C ALA A 133 32.51 -6.67 -20.62
N GLY A 134 32.10 -5.86 -21.59
CA GLY A 134 30.91 -6.16 -22.37
C GLY A 134 29.62 -6.11 -21.59
N ILE A 135 29.49 -5.14 -20.69
CA ILE A 135 28.30 -4.98 -19.86
C ILE A 135 27.47 -3.84 -20.44
N LYS A 136 26.17 -4.06 -20.53
CA LYS A 136 25.24 -3.04 -20.99
C LYS A 136 24.77 -2.21 -19.80
N GLN A 137 24.77 -0.89 -19.98
CA GLN A 137 24.43 0.04 -18.92
C GLN A 137 23.00 0.52 -19.07
N GLU A 138 22.22 0.37 -18.01
CA GLU A 138 20.86 0.90 -17.94
C GLU A 138 20.82 1.92 -16.81
N PHE A 139 20.20 3.08 -17.08
CA PHE A 139 19.99 4.11 -16.08
C PHE A 139 18.49 4.30 -15.90
N GLY A 140 18.05 4.35 -14.65
CA GLY A 140 16.65 4.59 -14.38
C GLY A 140 16.27 6.02 -14.66
N ILE A 141 14.96 6.25 -14.70
CA ILE A 141 14.48 7.63 -14.91
C ILE A 141 14.99 8.49 -13.77
N PRO A 142 15.50 9.70 -14.02
CA PRO A 142 16.12 10.47 -12.94
C PRO A 142 15.16 10.70 -11.79
N TYR A 143 15.69 10.62 -10.57
CA TYR A 143 14.92 10.86 -9.35
C TYR A 143 13.69 9.96 -9.31
N ASN A 144 13.87 8.70 -9.69
CA ASN A 144 12.84 7.68 -9.61
C ASN A 144 13.45 6.46 -8.93
N PRO A 145 13.59 6.49 -7.61
CA PRO A 145 14.22 5.36 -6.92
C PRO A 145 13.51 4.04 -7.11
N GLN A 146 12.20 4.06 -7.40
CA GLN A 146 11.46 2.82 -7.59
C GLN A 146 12.05 1.99 -8.73
N SER A 147 12.65 2.64 -9.73
CA SER A 147 13.27 1.90 -10.82
C SER A 147 14.37 0.98 -10.32
N GLN A 148 15.02 1.33 -9.21
CA GLN A 148 16.04 0.51 -8.59
C GLN A 148 15.54 -0.18 -7.33
N GLY A 149 14.21 -0.31 -7.19
CA GLY A 149 13.61 -0.84 -5.98
C GLY A 149 14.39 -1.99 -5.37
N VAL A 150 14.69 -3.00 -6.18
CA VAL A 150 15.37 -4.19 -5.67
C VAL A 150 16.57 -3.77 -4.83
N ILE A 151 17.54 -3.11 -5.46
CA ILE A 151 18.76 -2.78 -4.74
C ILE A 151 18.44 -1.87 -3.56
N GLU A 152 17.52 -0.92 -3.76
CA GLU A 152 17.12 -0.06 -2.65
C GLU A 152 16.66 -0.92 -1.48
N SER A 153 15.76 -1.86 -1.75
CA SER A 153 15.30 -2.75 -0.68
C SER A 153 16.50 -3.39 0.01
N MET A 154 17.44 -3.92 -0.78
CA MET A 154 18.57 -4.61 -0.19
C MET A 154 19.34 -3.69 0.74
N ASN A 155 19.51 -2.43 0.36
CA ASN A 155 20.15 -1.48 1.26
C ASN A 155 19.54 -1.61 2.65
N LYS A 156 18.23 -1.42 2.74
CA LYS A 156 17.52 -1.62 4.01
C LYS A 156 17.99 -2.91 4.66
N GLU A 157 17.82 -4.04 3.97
CA GLU A 157 18.16 -5.36 4.49
C GLU A 157 19.59 -5.43 4.95
N LEU A 158 20.49 -4.89 4.13
CA LEU A 158 21.89 -4.90 4.50
C LEU A 158 22.10 -4.18 5.81
N LYS A 159 21.60 -2.94 5.89
CA LYS A 159 21.80 -2.17 7.11
C LYS A 159 21.23 -2.90 8.31
N LYS A 160 20.03 -3.48 8.15
CA LYS A 160 19.45 -4.26 9.23
C LYS A 160 20.44 -5.28 9.76
N ILE A 161 21.01 -6.07 8.85
CA ILE A 161 21.93 -7.12 9.29
C ILE A 161 23.13 -6.52 9.98
N ILE A 162 23.63 -5.38 9.46
CA ILE A 162 24.75 -4.74 10.12
C ILE A 162 24.39 -4.37 11.55
N GLY A 163 23.18 -3.84 11.74
CA GLY A 163 22.73 -3.51 13.08
C GLY A 163 22.76 -4.69 14.03
N GLN A 164 22.67 -5.90 13.51
CA GLN A 164 22.70 -7.09 14.34
C GLN A 164 24.10 -7.61 14.59
N VAL A 165 25.08 -7.23 13.77
CA VAL A 165 26.43 -7.77 13.88
C VAL A 165 27.49 -6.69 14.04
N ARG A 166 27.10 -5.41 14.09
CA ARG A 166 28.08 -4.34 14.25
C ARG A 166 28.88 -4.51 15.53
N ASP A 167 28.29 -5.15 16.53
CA ASP A 167 28.97 -5.35 17.81
C ASP A 167 30.04 -6.44 17.77
N GLN A 168 30.08 -7.20 16.68
CA GLN A 168 31.04 -8.29 16.53
C GLN A 168 32.28 -7.89 15.74
N ALA A 169 32.40 -6.63 15.33
CA ALA A 169 33.53 -6.18 14.52
C ALA A 169 34.02 -4.84 15.02
N GLU A 170 35.31 -4.58 14.81
CA GLU A 170 35.89 -3.30 15.20
C GLU A 170 35.67 -2.22 14.15
N HIS A 171 35.50 -2.61 12.89
CA HIS A 171 35.38 -1.68 11.79
C HIS A 171 34.12 -1.99 10.98
N LEU A 172 33.69 -1.00 10.20
CA LEU A 172 32.46 -1.16 9.42
C LEU A 172 32.66 -2.08 8.23
N LYS A 173 33.88 -2.15 7.68
CA LYS A 173 34.10 -3.04 6.54
C LYS A 173 33.89 -4.50 6.94
N THR A 174 34.42 -4.91 8.08
CA THR A 174 34.21 -6.27 8.55
C THR A 174 32.73 -6.54 8.81
N ALA A 175 32.02 -5.58 9.39
CA ALA A 175 30.59 -5.76 9.64
C ALA A 175 29.83 -5.88 8.33
N VAL A 176 30.22 -5.11 7.31
CA VAL A 176 29.56 -5.19 6.01
C VAL A 176 29.78 -6.57 5.40
N GLN A 177 31.00 -7.10 5.50
CA GLN A 177 31.25 -8.43 4.95
C GLN A 177 30.50 -9.50 5.74
N MET A 178 30.40 -9.34 7.06
CA MET A 178 29.60 -10.26 7.86
C MET A 178 28.14 -10.21 7.43
N ALA A 179 27.61 -9.02 7.17
CA ALA A 179 26.23 -8.89 6.73
C ALA A 179 26.03 -9.53 5.37
N VAL A 180 26.98 -9.36 4.46
CA VAL A 180 26.88 -10.00 3.14
C VAL A 180 26.86 -11.51 3.30
N PHE A 181 27.75 -12.04 4.14
CA PHE A 181 27.77 -13.49 4.39
C PHE A 181 26.44 -13.96 4.94
N ILE A 182 25.89 -13.24 5.92
CA ILE A 182 24.64 -13.66 6.56
C ILE A 182 23.50 -13.63 5.57
N HIS A 183 23.42 -12.57 4.75
CA HIS A 183 22.35 -12.48 3.76
C HIS A 183 22.47 -13.59 2.73
N ASN A 184 23.69 -13.90 2.28
CA ASN A 184 23.87 -14.84 1.19
C ASN A 184 23.69 -16.29 1.63
N PHE A 185 24.08 -16.62 2.86
CA PHE A 185 24.15 -18.03 3.25
C PHE A 185 23.54 -18.32 4.62
N LYS A 186 22.79 -17.40 5.21
CA LYS A 186 22.17 -17.65 6.51
C LYS A 186 20.75 -17.12 6.58
N ARG A 187 20.17 -16.66 5.48
CA ARG A 187 18.78 -16.23 5.42
C ARG A 187 18.10 -17.00 4.31
N LYS A 188 17.11 -17.82 4.67
CA LYS A 188 16.44 -18.69 3.72
C LYS A 188 15.00 -18.24 3.55
N GLY A 189 14.51 -18.39 2.33
CA GLY A 189 13.16 -17.98 1.99
C GLY A 189 13.12 -17.51 0.55
N GLY A 190 11.90 -17.33 0.05
CA GLY A 190 11.73 -16.86 -1.31
C GLY A 190 11.13 -17.90 -2.23
N ILE A 191 11.53 -17.87 -3.50
CA ILE A 191 10.85 -18.68 -4.51
C ILE A 191 11.02 -20.17 -4.21
N GLY A 192 12.22 -20.58 -3.83
CA GLY A 192 12.49 -21.99 -3.62
C GLY A 192 12.91 -22.34 -2.21
N GLY A 193 12.54 -21.51 -1.24
CA GLY A 193 13.03 -21.69 0.11
C GLY A 193 14.53 -21.65 0.20
N TYR A 194 15.17 -20.98 -0.75
CA TYR A 194 16.62 -21.00 -0.93
C TYR A 194 17.28 -19.90 -0.11
N SER A 195 18.60 -20.00 0.00
CA SER A 195 19.41 -18.84 0.32
C SER A 195 19.74 -18.09 -0.96
N ALA A 196 20.29 -16.89 -0.82
CA ALA A 196 20.64 -16.10 -1.99
C ALA A 196 21.72 -16.79 -2.82
N GLY A 197 22.74 -17.35 -2.16
CA GLY A 197 23.79 -18.04 -2.91
C GLY A 197 23.28 -19.27 -3.62
N GLU A 198 22.48 -20.09 -2.92
CA GLU A 198 21.88 -21.24 -3.57
C GLU A 198 21.00 -20.82 -4.73
N ARG A 199 20.24 -19.74 -4.55
CA ARG A 199 19.34 -19.31 -5.61
C ARG A 199 20.10 -18.81 -6.83
N ILE A 200 21.21 -18.08 -6.62
CA ILE A 200 21.96 -17.60 -7.77
C ILE A 200 22.64 -18.75 -8.49
N VAL A 201 23.17 -19.71 -7.74
CA VAL A 201 23.76 -20.88 -8.39
C VAL A 201 22.70 -21.62 -9.19
N ASP A 202 21.51 -21.78 -8.62
CA ASP A 202 20.42 -22.46 -9.33
C ASP A 202 20.04 -21.69 -10.60
N ILE A 203 19.95 -20.36 -10.51
CA ILE A 203 19.57 -19.56 -11.66
C ILE A 203 20.59 -19.72 -12.78
N ILE A 204 21.87 -19.57 -12.45
CA ILE A 204 22.91 -19.62 -13.49
C ILE A 204 23.00 -21.02 -14.08
N ALA A 205 22.99 -22.05 -13.23
CA ALA A 205 23.07 -23.41 -13.73
C ALA A 205 21.87 -23.75 -14.61
N THR A 206 20.68 -23.29 -14.20
CA THR A 206 19.49 -23.54 -15.00
C THR A 206 19.58 -22.84 -16.34
N ASP A 207 20.09 -21.61 -16.36
CA ASP A 207 20.27 -20.91 -17.63
C ASP A 207 21.18 -21.71 -18.55
N ILE A 208 22.33 -22.15 -18.04
CA ILE A 208 23.27 -22.88 -18.88
C ILE A 208 22.65 -24.18 -19.37
N GLN A 209 22.04 -24.94 -18.47
CA GLN A 209 21.50 -26.24 -18.84
C GLN A 209 20.36 -26.11 -19.84
N THR A 210 19.46 -25.15 -19.62
CA THR A 210 18.35 -24.97 -20.55
C THR A 210 18.85 -24.51 -21.91
N LYS A 211 19.84 -23.62 -21.95
CA LYS A 211 20.41 -23.24 -23.23
C LYS A 211 20.96 -24.45 -23.96
N GLU A 212 21.72 -25.29 -23.26
CA GLU A 212 22.35 -26.45 -23.88
C GLU A 212 21.28 -27.40 -24.42
N LEU A 213 20.30 -27.73 -23.58
CA LEU A 213 19.25 -28.68 -23.97
C LEU A 213 18.42 -28.14 -25.13
N GLN A 214 18.06 -26.85 -25.09
CA GLN A 214 17.25 -26.30 -26.16
C GLN A 214 18.04 -26.25 -27.46
N LYS A 215 19.34 -25.96 -27.39
CA LYS A 215 20.17 -26.01 -28.58
C LYS A 215 20.11 -27.40 -29.20
N GLN A 216 20.30 -28.43 -28.38
CA GLN A 216 20.25 -29.79 -28.92
C GLN A 216 18.88 -30.11 -29.50
N ILE A 217 17.80 -29.73 -28.80
CA ILE A 217 16.47 -30.04 -29.30
C ILE A 217 16.24 -29.40 -30.65
N THR A 218 16.53 -28.10 -30.77
CA THR A 218 16.33 -27.42 -32.03
C THR A 218 17.20 -28.02 -33.12
N LYS A 219 18.41 -28.48 -32.77
CA LYS A 219 19.23 -29.18 -33.74
C LYS A 219 18.53 -30.45 -34.24
N ILE A 220 17.92 -31.19 -33.32
CA ILE A 220 17.34 -32.48 -33.67
C ILE A 220 15.95 -32.30 -34.26
N GLN A 221 15.03 -31.74 -33.47
CA GLN A 221 13.64 -31.60 -33.88
C GLN A 221 13.51 -30.53 -34.94
N ASN A 222 13.08 -30.92 -36.13
CA ASN A 222 12.83 -29.98 -37.23
C ASN A 222 11.47 -30.26 -37.83
N PHE A 223 10.58 -29.27 -37.74
CA PHE A 223 9.26 -29.35 -38.36
C PHE A 223 8.80 -27.93 -38.72
N ARG A 224 7.88 -27.86 -39.67
CA ARG A 224 7.21 -26.62 -40.03
C ARG A 224 5.72 -26.80 -39.82
N VAL A 225 5.09 -25.81 -39.18
CA VAL A 225 3.68 -25.90 -38.81
C VAL A 225 2.91 -24.82 -39.54
N TYR A 226 1.80 -25.19 -40.16
CA TYR A 226 0.85 -24.26 -40.75
C TYR A 226 -0.42 -24.27 -39.93
N TYR A 227 -1.10 -23.13 -39.89
CA TYR A 227 -2.26 -22.94 -39.03
C TYR A 227 -3.23 -21.97 -39.69
N ARG A 228 -4.46 -21.96 -39.19
CA ARG A 228 -5.50 -21.08 -39.73
C ARG A 228 -5.75 -21.32 -41.21
N LYS A 236 -0.29 -20.14 -41.62
CA LYS A 236 0.22 -18.96 -42.30
C LYS A 236 1.48 -19.31 -43.09
N GLY A 237 2.53 -18.51 -42.94
CA GLY A 237 3.77 -18.76 -43.64
C GLY A 237 4.55 -19.90 -43.01
N PRO A 238 5.82 -20.04 -43.37
CA PRO A 238 6.62 -21.14 -42.80
C PRO A 238 6.94 -20.88 -41.34
N ALA A 239 5.97 -21.17 -40.47
CA ALA A 239 6.12 -20.92 -39.03
C ALA A 239 6.87 -22.09 -38.41
N LYS A 240 8.03 -21.79 -37.83
CA LYS A 240 8.85 -22.82 -37.21
C LYS A 240 8.10 -23.45 -36.03
N LEU A 241 8.09 -24.78 -35.97
CA LEU A 241 7.50 -25.46 -34.83
C LEU A 241 8.33 -25.20 -33.59
N LEU A 242 7.65 -25.07 -32.45
CA LEU A 242 8.31 -24.79 -31.19
C LEU A 242 8.04 -25.86 -30.14
N TRP A 243 6.77 -26.25 -29.96
CA TRP A 243 6.40 -27.27 -28.99
C TRP A 243 5.01 -27.76 -29.32
N LYS A 244 4.70 -28.99 -28.88
CA LYS A 244 3.39 -29.57 -29.13
C LYS A 244 3.02 -30.50 -27.99
N GLY A 245 1.71 -30.65 -27.77
CA GLY A 245 1.23 -31.54 -26.74
C GLY A 245 0.03 -31.00 -25.99
N GLU A 246 -0.65 -31.88 -25.24
CA GLU A 246 -1.81 -31.49 -24.44
C GLU A 246 -2.85 -30.77 -25.29
N GLY A 247 -2.98 -31.16 -26.54
CA GLY A 247 -3.96 -30.55 -27.42
C GLY A 247 -3.64 -29.14 -27.83
N ALA A 248 -2.38 -28.73 -27.79
CA ALA A 248 -2.00 -27.39 -28.22
C ALA A 248 -0.63 -27.44 -28.87
N VAL A 249 -0.43 -26.56 -29.84
CA VAL A 249 0.85 -26.42 -30.54
C VAL A 249 1.30 -24.97 -30.37
N VAL A 250 2.49 -24.79 -29.81
CA VAL A 250 3.12 -23.48 -29.71
C VAL A 250 4.11 -23.35 -30.85
N ILE A 251 3.99 -22.28 -31.63
CA ILE A 251 4.81 -22.05 -32.80
C ILE A 251 5.29 -20.60 -32.80
N GLN A 252 6.23 -20.31 -33.69
CA GLN A 252 6.73 -18.96 -33.88
C GLN A 252 6.69 -18.63 -35.36
N ASP A 253 6.12 -17.47 -35.69
CA ASP A 253 5.97 -17.03 -37.07
C ASP A 253 6.42 -15.59 -37.17
N ASN A 254 7.41 -15.31 -38.02
CA ASN A 254 7.99 -13.99 -38.14
C ASN A 254 8.46 -13.49 -36.78
N SER A 255 8.97 -14.42 -35.97
CA SER A 255 9.43 -14.12 -34.61
C SER A 255 8.29 -13.59 -33.75
N ASP A 256 7.12 -14.22 -33.85
CA ASP A 256 5.95 -13.89 -33.02
C ASP A 256 5.41 -15.20 -32.45
N ILE A 257 5.83 -15.53 -31.23
CA ILE A 257 5.41 -16.78 -30.61
C ILE A 257 3.92 -16.74 -30.31
N LYS A 258 3.24 -17.83 -30.63
CA LYS A 258 1.80 -17.93 -30.40
C LYS A 258 1.46 -19.38 -30.09
N VAL A 259 0.27 -19.57 -29.53
CA VAL A 259 -0.25 -20.88 -29.16
C VAL A 259 -1.56 -21.09 -29.90
N VAL A 260 -1.66 -22.21 -30.61
CA VAL A 260 -2.85 -22.53 -31.40
C VAL A 260 -3.36 -23.89 -30.97
N PRO A 261 -4.65 -24.17 -31.14
CA PRO A 261 -5.15 -25.51 -30.81
C PRO A 261 -4.58 -26.55 -31.76
N ARG A 262 -4.48 -27.78 -31.27
CA ARG A 262 -3.95 -28.86 -32.09
C ARG A 262 -4.71 -28.95 -33.41
N ARG A 263 -6.00 -28.69 -33.38
CA ARG A 263 -6.80 -28.64 -34.60
C ARG A 263 -6.43 -27.40 -35.41
N LYS A 264 -6.79 -27.43 -36.69
CA LYS A 264 -6.46 -26.33 -37.60
C LYS A 264 -4.96 -26.04 -37.54
N ALA A 265 -4.17 -27.11 -37.48
CA ALA A 265 -2.72 -27.02 -37.46
C ALA A 265 -2.16 -28.30 -38.06
N LYS A 266 -1.29 -28.15 -39.06
CA LYS A 266 -0.67 -29.28 -39.72
C LYS A 266 0.84 -29.14 -39.69
N ILE A 267 1.52 -30.25 -39.40
CA ILE A 267 2.96 -30.26 -39.19
C ILE A 267 3.60 -31.18 -40.22
N ILE A 268 4.59 -30.67 -40.94
CA ILE A 268 5.29 -31.45 -41.95
C ILE A 268 6.74 -31.64 -41.53
N ASP B 3 7.96 -49.33 -8.25
CA ASP B 3 7.58 -50.20 -9.35
C ASP B 3 8.79 -50.60 -10.18
N GLY B 4 9.62 -49.63 -10.53
CA GLY B 4 10.78 -49.87 -11.37
C GLY B 4 12.05 -50.09 -10.57
N ILE B 5 11.92 -50.45 -9.30
CA ILE B 5 13.09 -50.58 -8.44
C ILE B 5 13.94 -51.79 -8.84
N ASP B 6 13.29 -52.89 -9.23
CA ASP B 6 14.04 -54.11 -9.52
C ASP B 6 14.97 -53.93 -10.72
N LYS B 7 14.49 -53.26 -11.77
CA LYS B 7 15.36 -53.01 -12.91
C LYS B 7 16.56 -52.17 -12.51
N ALA B 8 16.34 -51.16 -11.67
CA ALA B 8 17.45 -50.33 -11.21
C ALA B 8 18.45 -51.14 -10.40
N GLN B 9 17.95 -52.02 -9.52
CA GLN B 9 18.85 -52.84 -8.72
C GLN B 9 19.68 -53.77 -9.60
N GLU B 10 19.04 -54.39 -10.60
CA GLU B 10 19.78 -55.26 -11.49
C GLU B 10 20.81 -54.49 -12.30
N GLU B 11 20.45 -53.29 -12.76
CA GLU B 11 21.41 -52.45 -13.47
C GLU B 11 22.59 -52.10 -12.59
N HIS B 12 22.34 -51.77 -11.33
CA HIS B 12 23.43 -51.48 -10.42
C HIS B 12 24.33 -52.68 -10.22
N GLU B 13 23.73 -53.86 -10.07
CA GLU B 13 24.54 -55.06 -9.88
C GLU B 13 25.42 -55.33 -11.10
N LYS B 14 24.88 -55.12 -12.29
CA LYS B 14 25.66 -55.34 -13.50
C LYS B 14 26.78 -54.31 -13.64
N TYR B 15 26.47 -53.02 -13.45
CA TYR B 15 27.37 -51.95 -13.82
C TYR B 15 27.84 -51.08 -12.66
N HIS B 16 27.28 -51.22 -11.47
CA HIS B 16 27.74 -50.47 -10.30
C HIS B 16 27.51 -48.96 -10.48
N SER B 17 26.45 -48.60 -11.21
CA SER B 17 26.22 -47.21 -11.55
C SER B 17 25.90 -46.38 -10.31
N ASN B 18 26.05 -45.06 -10.46
CA ASN B 18 25.79 -44.13 -9.37
C ASN B 18 24.30 -43.86 -9.24
N TRP B 19 23.93 -43.11 -8.18
CA TRP B 19 22.51 -42.90 -7.90
C TRP B 19 21.88 -41.86 -8.83
N ARG B 20 22.64 -40.88 -9.30
CA ARG B 20 22.09 -39.93 -10.24
C ARG B 20 21.62 -40.62 -11.51
N ALA B 21 22.47 -41.50 -12.06
CA ALA B 21 22.14 -42.19 -13.29
C ALA B 21 20.91 -43.07 -13.11
N MET B 22 20.85 -43.83 -12.01
CA MET B 22 19.71 -44.70 -11.79
C MET B 22 18.43 -43.90 -11.60
N ALA B 23 18.49 -42.82 -10.81
CA ALA B 23 17.30 -42.02 -10.60
C ALA B 23 16.80 -41.42 -11.90
N SER B 24 17.72 -40.92 -12.74
CA SER B 24 17.29 -40.36 -14.02
C SER B 24 16.71 -41.42 -14.93
N ASP B 25 17.33 -42.60 -14.99
CA ASP B 25 16.92 -43.61 -15.95
C ASP B 25 15.62 -44.30 -15.55
N PHE B 26 15.47 -44.64 -14.27
CA PHE B 26 14.37 -45.47 -13.81
C PHE B 26 13.32 -44.67 -13.03
N ASN B 27 13.40 -43.34 -13.06
CA ASN B 27 12.36 -42.48 -12.49
C ASN B 27 12.08 -42.82 -11.03
N LEU B 28 13.15 -43.07 -10.27
CA LEU B 28 13.00 -43.31 -8.85
C LEU B 28 13.29 -42.04 -8.06
N PRO B 29 12.66 -41.84 -6.91
CA PRO B 29 13.09 -40.77 -6.02
C PRO B 29 14.54 -40.98 -5.61
N PRO B 30 15.34 -39.91 -5.51
CA PRO B 30 16.77 -40.10 -5.28
C PRO B 30 17.10 -40.87 -4.01
N VAL B 31 16.23 -40.82 -2.99
CA VAL B 31 16.51 -41.55 -1.76
C VAL B 31 16.57 -43.04 -2.04
N VAL B 32 15.66 -43.54 -2.88
CA VAL B 32 15.66 -44.96 -3.21
C VAL B 32 16.93 -45.36 -3.93
N ALA B 33 17.38 -44.54 -4.89
CA ALA B 33 18.61 -44.85 -5.61
C ALA B 33 19.82 -44.81 -4.68
N LYS B 34 19.86 -43.83 -3.79
CA LYS B 34 20.95 -43.76 -2.83
C LYS B 34 20.99 -45.00 -1.95
N GLU B 35 19.82 -45.45 -1.48
CA GLU B 35 19.78 -46.65 -0.67
C GLU B 35 20.18 -47.88 -1.48
N ILE B 36 19.79 -47.94 -2.75
CA ILE B 36 20.21 -49.06 -3.60
C ILE B 36 21.72 -49.10 -3.71
N VAL B 37 22.36 -47.94 -3.93
CA VAL B 37 23.81 -47.91 -4.01
C VAL B 37 24.43 -48.33 -2.69
N ALA B 38 23.89 -47.83 -1.58
CA ALA B 38 24.44 -48.15 -0.27
C ALA B 38 24.13 -49.58 0.17
N SER B 39 23.24 -50.28 -0.53
CA SER B 39 22.92 -51.66 -0.18
C SER B 39 23.97 -52.65 -0.67
N CYS B 40 24.85 -52.23 -1.58
CA CYS B 40 25.94 -53.07 -2.07
C CYS B 40 27.20 -52.75 -1.28
N ASP B 41 27.94 -53.79 -0.90
CA ASP B 41 29.12 -53.61 -0.07
C ASP B 41 30.33 -53.14 -0.86
N LYS B 42 30.30 -53.24 -2.20
CA LYS B 42 31.45 -52.89 -3.01
C LYS B 42 31.37 -51.48 -3.59
N CYS B 43 30.32 -50.73 -3.29
CA CYS B 43 30.21 -49.34 -3.72
C CYS B 43 30.75 -48.37 -2.67
N GLN B 44 31.56 -48.86 -1.74
CA GLN B 44 32.07 -48.04 -0.64
C GLN B 44 33.59 -48.06 -0.62
N SER B 57 35.13 -31.48 -1.06
CA SER B 57 35.78 -31.15 -2.32
C SER B 57 35.17 -29.91 -2.98
N PRO B 58 33.84 -29.85 -3.11
CA PRO B 58 33.23 -28.64 -3.69
C PRO B 58 33.51 -27.38 -2.89
N GLY B 59 33.71 -27.50 -1.58
CA GLY B 59 33.91 -26.35 -0.74
C GLY B 59 35.34 -26.16 -0.28
N ILE B 60 36.30 -26.66 -1.07
CA ILE B 60 37.72 -26.59 -0.72
C ILE B 60 38.39 -25.54 -1.58
N TRP B 61 39.14 -24.65 -0.94
CA TRP B 61 39.83 -23.56 -1.63
C TRP B 61 41.30 -23.59 -1.23
N GLN B 62 42.15 -23.11 -2.13
CA GLN B 62 43.59 -23.05 -1.90
C GLN B 62 44.05 -21.61 -2.02
N LEU B 63 44.66 -21.09 -0.96
CA LEU B 63 45.08 -19.70 -0.89
C LEU B 63 46.60 -19.61 -0.99
N ASP B 64 47.06 -18.63 -1.75
CA ASP B 64 48.49 -18.34 -1.85
C ASP B 64 48.65 -16.85 -2.09
N CYS B 65 49.83 -16.28 -1.79
CA CYS B 65 50.14 -14.88 -2.02
C CYS B 65 51.42 -14.72 -2.89
N THR B 66 51.27 -14.32 -4.16
CA THR B 66 52.36 -14.10 -5.08
C THR B 66 52.78 -12.64 -5.08
N HIS B 67 53.84 -12.35 -5.81
CA HIS B 67 54.38 -11.00 -5.93
C HIS B 67 54.57 -10.67 -7.40
N LEU B 68 54.25 -9.43 -7.76
CA LEU B 68 54.36 -8.97 -9.13
C LEU B 68 54.53 -7.46 -9.13
N GLU B 69 55.57 -6.98 -9.81
CA GLU B 69 55.92 -5.57 -9.81
C GLU B 69 56.01 -5.02 -8.40
N GLY B 70 56.60 -5.80 -7.50
CA GLY B 70 56.73 -5.37 -6.13
C GLY B 70 55.42 -5.13 -5.44
N LYS B 71 54.37 -5.86 -5.81
CA LYS B 71 53.07 -5.77 -5.18
C LYS B 71 52.58 -7.17 -4.83
N VAL B 72 51.79 -7.26 -3.78
CA VAL B 72 51.32 -8.53 -3.25
C VAL B 72 49.95 -8.84 -3.84
N ILE B 73 49.83 -10.01 -4.46
CA ILE B 73 48.59 -10.48 -5.06
C ILE B 73 48.16 -11.74 -4.32
N LEU B 74 47.04 -11.68 -3.58
CA LEU B 74 46.48 -12.81 -2.86
C LEU B 74 45.55 -13.53 -3.85
N VAL B 75 45.76 -14.83 -4.05
CA VAL B 75 45.02 -15.63 -5.01
C VAL B 75 44.35 -16.79 -4.28
N ALA B 76 43.07 -17.01 -4.56
CA ALA B 76 42.32 -18.14 -4.07
C ALA B 76 41.82 -18.94 -5.25
N VAL B 77 42.07 -20.26 -5.23
CA VAL B 77 41.74 -21.15 -6.33
C VAL B 77 40.76 -22.19 -5.82
N HIS B 78 39.66 -22.36 -6.55
CA HIS B 78 38.73 -23.46 -6.32
C HIS B 78 39.29 -24.67 -7.07
N VAL B 79 40.01 -25.52 -6.34
CA VAL B 79 40.79 -26.58 -6.98
C VAL B 79 39.89 -27.49 -7.79
N ALA B 80 38.65 -27.69 -7.33
CA ALA B 80 37.74 -28.59 -8.02
C ALA B 80 37.33 -28.06 -9.39
N SER B 81 37.47 -26.76 -9.63
CA SER B 81 37.01 -26.15 -10.88
C SER B 81 38.02 -25.23 -11.55
N GLY B 82 39.01 -24.72 -10.84
CA GLY B 82 39.94 -23.77 -11.41
C GLY B 82 39.48 -22.33 -11.35
N TYR B 83 38.31 -22.07 -10.78
CA TYR B 83 37.85 -20.71 -10.57
C TYR B 83 38.84 -19.95 -9.70
N ILE B 84 39.10 -18.70 -10.06
CA ILE B 84 40.16 -17.90 -9.44
C ILE B 84 39.55 -16.63 -8.87
N GLU B 85 40.04 -16.22 -7.70
CA GLU B 85 39.76 -14.90 -7.15
C GLU B 85 41.08 -14.29 -6.70
N ALA B 86 41.52 -13.23 -7.38
CA ALA B 86 42.78 -12.58 -7.08
C ALA B 86 42.53 -11.14 -6.68
N GLU B 87 43.31 -10.65 -5.73
CA GLU B 87 43.21 -9.29 -5.24
C GLU B 87 44.59 -8.76 -4.91
N VAL B 88 44.90 -7.56 -5.38
CA VAL B 88 46.14 -6.88 -5.00
C VAL B 88 45.92 -6.25 -3.63
N ILE B 89 46.71 -6.67 -2.65
CA ILE B 89 46.60 -6.14 -1.29
C ILE B 89 47.82 -5.27 -0.98
N PRO B 90 47.69 -4.25 -0.14
CA PRO B 90 48.86 -3.45 0.26
C PRO B 90 50.02 -4.28 0.80
N ALA B 91 49.78 -5.08 1.82
CA ALA B 91 50.88 -5.82 2.46
C ALA B 91 50.39 -7.17 2.93
N GLU B 92 51.34 -8.10 3.06
CA GLU B 92 51.07 -9.46 3.56
C GLU B 92 50.85 -9.35 5.06
N THR B 93 49.63 -8.97 5.43
CA THR B 93 49.25 -8.78 6.82
C THR B 93 48.12 -9.73 7.16
N GLY B 94 48.08 -10.15 8.43
CA GLY B 94 47.04 -11.06 8.87
C GLY B 94 45.65 -10.46 8.75
N GLN B 95 45.50 -9.19 9.13
CA GLN B 95 44.20 -8.55 9.05
C GLN B 95 43.70 -8.52 7.62
N GLU B 96 44.58 -8.23 6.66
CA GLU B 96 44.14 -8.11 5.27
C GLU B 96 43.77 -9.47 4.70
N THR B 97 44.54 -10.51 5.05
CA THR B 97 44.17 -11.85 4.63
C THR B 97 42.83 -12.26 5.24
N ALA B 98 42.59 -11.87 6.50
CA ALA B 98 41.30 -12.17 7.12
C ALA B 98 40.16 -11.45 6.39
N TYR B 99 40.36 -10.20 6.01
CA TYR B 99 39.33 -9.48 5.28
C TYR B 99 39.05 -10.13 3.93
N PHE B 100 40.12 -10.51 3.22
CA PHE B 100 39.94 -11.21 1.94
C PHE B 100 39.20 -12.53 2.14
N LEU B 101 39.54 -13.27 3.19
CA LEU B 101 38.88 -14.53 3.45
C LEU B 101 37.40 -14.33 3.76
N LEU B 102 37.08 -13.28 4.54
CA LEU B 102 35.68 -13.01 4.85
C LEU B 102 34.91 -12.63 3.58
N LYS B 103 35.52 -11.82 2.72
CA LYS B 103 34.89 -11.50 1.44
C LYS B 103 34.64 -12.77 0.63
N LEU B 104 35.64 -13.65 0.57
CA LEU B 104 35.49 -14.89 -0.18
C LEU B 104 34.39 -15.77 0.40
N ALA B 105 34.34 -15.88 1.72
CA ALA B 105 33.35 -16.73 2.36
C ALA B 105 31.94 -16.19 2.18
N GLY B 106 31.79 -14.87 2.12
CA GLY B 106 30.48 -14.29 1.88
C GLY B 106 29.99 -14.42 0.46
N ARG B 107 30.87 -14.78 -0.47
CA ARG B 107 30.52 -14.88 -1.88
C ARG B 107 30.30 -16.32 -2.34
N TRP B 108 31.11 -17.25 -1.87
CA TRP B 108 31.04 -18.66 -2.23
C TRP B 108 31.02 -19.50 -0.98
N PRO B 109 30.48 -20.71 -1.04
CA PRO B 109 30.42 -21.56 0.15
C PRO B 109 31.76 -22.20 0.47
N VAL B 110 32.61 -21.48 1.19
CA VAL B 110 33.94 -21.96 1.56
C VAL B 110 33.84 -22.75 2.86
N LYS B 111 34.35 -23.97 2.85
CA LYS B 111 34.39 -24.82 4.04
C LYS B 111 35.79 -25.15 4.49
N THR B 112 36.75 -25.28 3.59
CA THR B 112 38.13 -25.57 3.94
C THR B 112 39.05 -24.69 3.11
N VAL B 113 40.18 -24.31 3.71
CA VAL B 113 41.19 -23.50 3.04
C VAL B 113 42.56 -24.10 3.30
N HIS B 114 43.37 -24.20 2.25
CA HIS B 114 44.74 -24.68 2.37
C HIS B 114 45.68 -23.49 2.22
N THR B 115 46.69 -23.44 3.09
CA THR B 115 47.61 -22.32 3.13
C THR B 115 49.04 -22.85 3.29
N ASP B 116 50.01 -22.01 2.93
CA ASP B 116 51.41 -22.40 2.88
C ASP B 116 52.17 -22.05 4.16
N ASN B 117 51.50 -22.03 5.31
CA ASN B 117 52.14 -21.81 6.61
C ASN B 117 52.77 -20.43 6.71
N GLY B 118 52.41 -19.50 5.83
CA GLY B 118 52.94 -18.16 5.91
C GLY B 118 52.48 -17.44 7.16
N SER B 119 53.24 -16.42 7.53
CA SER B 119 52.96 -15.70 8.78
C SER B 119 51.57 -15.09 8.77
N ASN B 120 51.17 -14.50 7.63
CA ASN B 120 49.84 -13.91 7.54
C ASN B 120 48.75 -14.98 7.65
N PHE B 121 48.96 -16.14 7.03
CA PHE B 121 47.94 -17.17 7.02
C PHE B 121 47.75 -17.83 8.38
N THR B 122 48.73 -17.68 9.28
CA THR B 122 48.66 -18.29 10.60
C THR B 122 48.38 -17.27 11.70
N SER B 123 48.03 -16.04 11.34
CA SER B 123 47.75 -15.01 12.34
C SER B 123 46.48 -15.33 13.11
N THR B 124 46.41 -14.80 14.33
CA THR B 124 45.20 -15.00 15.13
C THR B 124 43.99 -14.32 14.50
N THR B 125 44.21 -13.25 13.74
CA THR B 125 43.09 -12.60 13.05
C THR B 125 42.49 -13.53 12.01
N VAL B 126 43.34 -14.22 11.25
CA VAL B 126 42.82 -15.15 10.25
C VAL B 126 42.13 -16.33 10.91
N LYS B 127 42.66 -16.79 12.04
CA LYS B 127 41.99 -17.86 12.79
C LYS B 127 40.61 -17.41 13.26
N ALA B 128 40.51 -16.18 13.76
CA ALA B 128 39.21 -15.67 14.20
C ALA B 128 38.24 -15.53 13.02
N ALA B 129 38.73 -15.03 11.89
CA ALA B 129 37.87 -14.91 10.72
C ALA B 129 37.36 -16.26 10.26
N CYS B 130 38.24 -17.27 10.21
CA CYS B 130 37.81 -18.60 9.81
C CYS B 130 36.84 -19.19 10.82
N TRP B 131 37.08 -18.97 12.10
CA TRP B 131 36.14 -19.46 13.12
C TRP B 131 34.77 -18.83 12.93
N TRP B 132 34.72 -17.53 12.68
CA TRP B 132 33.43 -16.87 12.48
C TRP B 132 32.74 -17.38 11.23
N ALA B 133 33.49 -17.57 10.15
CA ALA B 133 32.91 -18.01 8.90
C ALA B 133 32.71 -19.52 8.83
N GLY B 134 33.08 -20.25 9.88
CA GLY B 134 32.94 -21.69 9.87
C GLY B 134 33.83 -22.39 8.88
N ILE B 135 35.09 -21.95 8.76
CA ILE B 135 36.05 -22.50 7.82
C ILE B 135 37.11 -23.26 8.59
N LYS B 136 37.48 -24.43 8.08
CA LYS B 136 38.58 -25.21 8.63
C LYS B 136 39.84 -24.93 7.83
N GLN B 137 40.96 -24.78 8.54
CA GLN B 137 42.24 -24.45 7.92
C GLN B 137 43.15 -25.66 7.95
N GLU B 138 43.81 -25.93 6.82
CA GLU B 138 44.83 -26.96 6.72
C GLU B 138 46.11 -26.34 6.20
N PHE B 139 47.23 -26.64 6.85
CA PHE B 139 48.51 -26.11 6.46
C PHE B 139 49.38 -27.18 5.82
N GLY B 149 49.78 -29.21 -6.85
CA GLY B 149 50.40 -28.06 -7.48
C GLY B 149 49.44 -27.27 -8.34
N VAL B 150 48.16 -27.32 -7.98
CA VAL B 150 47.15 -26.54 -8.71
C VAL B 150 47.42 -25.05 -8.56
N ILE B 151 47.76 -24.62 -7.35
CA ILE B 151 47.88 -23.18 -7.08
C ILE B 151 49.06 -22.59 -7.85
N GLU B 152 50.18 -23.31 -7.92
CA GLU B 152 51.34 -22.76 -8.61
C GLU B 152 51.09 -22.63 -10.10
N SER B 153 50.49 -23.65 -10.72
CA SER B 153 50.15 -23.55 -12.13
C SER B 153 49.15 -22.43 -12.38
N MET B 154 48.16 -22.28 -11.50
CA MET B 154 47.18 -21.21 -11.66
C MET B 154 47.84 -19.85 -11.51
N ASN B 155 48.80 -19.72 -10.59
CA ASN B 155 49.53 -18.47 -10.46
C ASN B 155 50.31 -18.17 -11.73
N LYS B 156 50.94 -19.19 -12.32
CA LYS B 156 51.65 -18.97 -13.57
C LYS B 156 50.71 -18.50 -14.67
N GLU B 157 49.55 -19.14 -14.79
CA GLU B 157 48.58 -18.73 -15.81
C GLU B 157 48.08 -17.31 -15.55
N LEU B 158 47.80 -16.98 -14.29
CA LEU B 158 47.33 -15.64 -13.98
C LEU B 158 48.39 -14.59 -14.30
N LYS B 159 49.66 -14.89 -14.00
CA LYS B 159 50.72 -13.95 -14.33
C LYS B 159 50.85 -13.78 -15.84
N LYS B 160 50.70 -14.87 -16.59
CA LYS B 160 50.74 -14.76 -18.05
C LYS B 160 49.63 -13.85 -18.56
N ILE B 161 48.41 -14.04 -18.04
CA ILE B 161 47.29 -13.22 -18.49
C ILE B 161 47.49 -11.76 -18.07
N ILE B 162 48.03 -11.54 -16.88
CA ILE B 162 48.31 -10.18 -16.43
C ILE B 162 49.31 -9.52 -17.35
N GLY B 163 50.37 -10.25 -17.73
CA GLY B 163 51.30 -9.70 -18.69
C GLY B 163 50.64 -9.39 -20.02
N GLN B 164 49.73 -10.25 -20.45
CA GLN B 164 49.04 -10.01 -21.72
C GLN B 164 48.22 -8.72 -21.68
N VAL B 165 47.50 -8.49 -20.58
CA VAL B 165 46.56 -7.37 -20.51
C VAL B 165 47.16 -6.12 -19.87
N ARG B 166 48.40 -6.18 -19.39
CA ARG B 166 48.96 -5.02 -18.70
C ARG B 166 49.02 -3.78 -19.59
N ASP B 167 49.06 -3.94 -20.91
CA ASP B 167 49.03 -2.79 -21.79
C ASP B 167 47.71 -2.06 -21.74
N GLN B 168 46.65 -2.71 -21.24
CA GLN B 168 45.31 -2.15 -21.25
C GLN B 168 44.90 -1.53 -19.93
N ALA B 169 45.79 -1.48 -18.93
CA ALA B 169 45.44 -0.95 -17.63
C ALA B 169 46.57 -0.07 -17.12
N GLU B 170 46.21 1.08 -16.57
CA GLU B 170 47.21 1.98 -16.01
C GLU B 170 47.80 1.42 -14.73
N HIS B 171 46.97 0.78 -13.89
CA HIS B 171 47.38 0.25 -12.61
C HIS B 171 47.41 -1.27 -12.64
N LEU B 172 48.06 -1.85 -11.64
CA LEU B 172 48.18 -3.30 -11.57
C LEU B 172 46.92 -3.97 -11.04
N LYS B 173 46.18 -3.30 -10.16
CA LYS B 173 44.95 -3.91 -9.64
C LYS B 173 43.92 -4.10 -10.76
N THR B 174 43.78 -3.10 -11.62
CA THR B 174 42.85 -3.22 -12.74
C THR B 174 43.29 -4.34 -13.68
N ALA B 175 44.60 -4.44 -13.94
CA ALA B 175 45.10 -5.52 -14.79
C ALA B 175 44.84 -6.88 -14.16
N VAL B 176 45.01 -6.99 -12.85
CA VAL B 176 44.77 -8.25 -12.16
C VAL B 176 43.31 -8.64 -12.27
N GLN B 177 42.40 -7.68 -12.07
CA GLN B 177 40.98 -7.98 -12.19
C GLN B 177 40.60 -8.37 -13.60
N MET B 178 41.19 -7.71 -14.60
CA MET B 178 40.95 -8.09 -15.99
C MET B 178 41.45 -9.50 -16.25
N ALA B 179 42.62 -9.84 -15.70
CA ALA B 179 43.14 -11.20 -15.86
C ALA B 179 42.23 -12.23 -15.22
N VAL B 180 41.70 -11.91 -14.03
CA VAL B 180 40.78 -12.83 -13.36
C VAL B 180 39.52 -13.03 -14.21
N PHE B 181 38.99 -11.94 -14.76
CA PHE B 181 37.81 -12.03 -15.62
C PHE B 181 38.09 -12.91 -16.83
N ILE B 182 39.22 -12.66 -17.51
CA ILE B 182 39.56 -13.42 -18.70
C ILE B 182 39.72 -14.89 -18.38
N HIS B 183 40.43 -15.20 -17.28
CA HIS B 183 40.63 -16.59 -16.91
C HIS B 183 39.32 -17.28 -16.55
N ASN B 184 38.45 -16.59 -15.83
CA ASN B 184 37.24 -17.22 -15.32
C ASN B 184 36.22 -17.46 -16.42
N PHE B 185 36.11 -16.53 -17.38
CA PHE B 185 35.00 -16.58 -18.33
C PHE B 185 35.41 -16.62 -19.79
N LYS B 186 36.55 -16.03 -20.17
CA LYS B 186 36.94 -15.96 -21.56
C LYS B 186 37.97 -17.02 -21.94
N ARG B 187 38.24 -17.98 -21.05
CA ARG B 187 39.10 -19.11 -21.34
C ARG B 187 38.30 -20.39 -21.18
N LYS B 188 38.41 -21.29 -22.16
CA LYS B 188 37.67 -22.53 -22.15
C LYS B 188 38.61 -23.68 -22.45
N GLY B 189 38.25 -24.86 -21.95
CA GLY B 189 39.09 -26.03 -22.15
C GLY B 189 38.50 -27.22 -21.42
N GLY B 190 39.32 -28.25 -21.27
CA GLY B 190 38.90 -29.45 -20.58
C GLY B 190 38.11 -30.37 -21.49
N ILE B 191 37.52 -31.39 -20.87
CA ILE B 191 36.80 -32.41 -21.63
C ILE B 191 35.60 -31.79 -22.34
N GLY B 192 34.84 -30.97 -21.64
CA GLY B 192 33.63 -30.38 -22.17
C GLY B 192 33.78 -29.00 -22.77
N GLY B 193 34.98 -28.44 -22.81
CA GLY B 193 35.15 -27.11 -23.34
C GLY B 193 34.41 -26.05 -22.55
N TYR B 194 34.45 -26.13 -21.23
CA TYR B 194 33.79 -25.17 -20.36
C TYR B 194 34.79 -24.21 -19.75
N SER B 195 34.27 -23.11 -19.23
CA SER B 195 35.08 -22.14 -18.50
C SER B 195 34.98 -22.39 -17.01
N ALA B 196 35.88 -21.75 -16.25
CA ALA B 196 35.93 -21.97 -14.81
C ALA B 196 34.63 -21.55 -14.14
N GLY B 197 33.98 -20.50 -14.63
CA GLY B 197 32.73 -20.07 -14.02
C GLY B 197 31.64 -21.10 -14.14
N GLU B 198 31.46 -21.66 -15.34
CA GLU B 198 30.45 -22.70 -15.52
C GLU B 198 30.79 -23.92 -14.67
N ARG B 199 32.06 -24.30 -14.61
CA ARG B 199 32.44 -25.47 -13.85
C ARG B 199 32.16 -25.27 -12.36
N ILE B 200 32.49 -24.10 -11.81
CA ILE B 200 32.26 -23.89 -10.39
C ILE B 200 30.77 -23.81 -10.10
N VAL B 201 29.99 -23.19 -11.00
CA VAL B 201 28.55 -23.14 -10.77
C VAL B 201 27.97 -24.55 -10.77
N ASP B 202 28.40 -25.39 -11.71
CA ASP B 202 27.92 -26.76 -11.76
C ASP B 202 28.34 -27.54 -10.51
N ILE B 203 29.58 -27.36 -10.07
CA ILE B 203 30.06 -28.10 -8.89
C ILE B 203 29.29 -27.68 -7.65
N ILE B 204 29.05 -26.39 -7.48
CA ILE B 204 28.31 -25.92 -6.32
C ILE B 204 26.85 -26.38 -6.40
N ALA B 205 26.27 -26.41 -7.60
CA ALA B 205 24.92 -26.92 -7.74
C ALA B 205 24.84 -28.39 -7.35
N THR B 206 25.82 -29.18 -7.78
CA THR B 206 25.85 -30.59 -7.39
C THR B 206 26.01 -30.73 -5.88
N ASP B 207 26.83 -29.88 -5.27
CA ASP B 207 26.97 -29.91 -3.82
C ASP B 207 25.65 -29.58 -3.13
N ILE B 208 24.91 -28.59 -3.66
CA ILE B 208 23.62 -28.25 -3.07
C ILE B 208 22.65 -29.43 -3.19
N GLN B 209 22.64 -30.10 -4.35
CA GLN B 209 21.81 -31.27 -4.51
C GLN B 209 22.18 -32.35 -3.49
N THR B 210 23.47 -32.58 -3.31
CA THR B 210 23.92 -33.58 -2.35
C THR B 210 23.47 -33.24 -0.94
N LYS B 211 23.58 -31.98 -0.56
CA LYS B 211 23.19 -31.60 0.80
C LYS B 211 21.69 -31.68 1.00
N GLU B 212 20.90 -31.32 -0.03
CA GLU B 212 19.45 -31.51 0.09
C GLU B 212 19.12 -32.98 0.25
N LEU B 213 19.78 -33.85 -0.52
CA LEU B 213 19.54 -35.28 -0.39
C LEU B 213 19.93 -35.78 1.00
N GLN B 214 21.05 -35.30 1.52
CA GLN B 214 21.48 -35.71 2.86
C GLN B 214 20.48 -35.23 3.91
N LYS B 215 19.94 -34.02 3.75
CA LYS B 215 18.91 -33.55 4.66
C LYS B 215 17.69 -34.44 4.60
N GLN B 216 17.28 -34.85 3.40
CA GLN B 216 16.12 -35.73 3.28
C GLN B 216 16.38 -37.08 3.95
N ILE B 217 17.57 -37.63 3.75
CA ILE B 217 17.90 -38.93 4.36
C ILE B 217 17.90 -38.80 5.88
N THR B 218 18.46 -37.71 6.40
CA THR B 218 18.44 -37.48 7.84
C THR B 218 17.02 -37.34 8.34
N LYS B 219 16.16 -36.67 7.57
CA LYS B 219 14.78 -36.49 7.99
C LYS B 219 14.05 -37.82 8.11
N ILE B 220 14.26 -38.72 7.14
CA ILE B 220 13.53 -39.99 7.14
C ILE B 220 14.20 -41.10 7.92
N GLN B 221 15.47 -40.93 8.33
CA GLN B 221 16.16 -42.01 9.00
C GLN B 221 15.66 -42.26 10.42
N ASN B 222 14.83 -41.36 10.96
CA ASN B 222 14.29 -41.51 12.30
C ASN B 222 12.84 -41.95 12.29
N PHE B 223 12.45 -42.79 11.34
CA PHE B 223 11.13 -43.39 11.29
C PHE B 223 11.26 -44.90 11.23
N ARG B 224 10.29 -45.57 11.83
CA ARG B 224 10.17 -47.02 11.75
C ARG B 224 8.77 -47.35 11.26
N VAL B 225 8.69 -48.21 10.26
CA VAL B 225 7.45 -48.51 9.55
C VAL B 225 7.17 -50.00 9.68
N TYR B 226 5.92 -50.32 10.05
CA TYR B 226 5.45 -51.70 10.13
C TYR B 226 4.42 -51.93 9.03
N TYR B 227 4.64 -52.96 8.23
CA TYR B 227 3.80 -53.23 7.08
C TYR B 227 3.33 -54.69 7.11
N TRP B 235 2.55 -58.87 12.28
CA TRP B 235 3.03 -57.65 11.65
C TRP B 235 4.48 -57.81 11.22
N LYS B 236 4.87 -57.21 10.08
CA LYS B 236 6.24 -57.31 9.62
C LYS B 236 7.15 -56.49 10.53
N GLY B 237 8.41 -56.90 10.60
CA GLY B 237 9.37 -56.29 11.49
C GLY B 237 9.52 -54.80 11.27
N PRO B 238 10.31 -54.14 12.12
CA PRO B 238 10.48 -52.69 11.99
C PRO B 238 11.35 -52.33 10.79
N ALA B 239 10.73 -51.78 9.76
CA ALA B 239 11.41 -51.48 8.52
C ALA B 239 11.72 -49.99 8.43
N LYS B 240 12.87 -49.67 7.85
CA LYS B 240 13.23 -48.28 7.61
C LYS B 240 12.38 -47.70 6.48
N LEU B 241 12.17 -46.38 6.53
CA LEU B 241 11.38 -45.69 5.53
C LEU B 241 12.30 -45.03 4.51
N LEU B 242 12.04 -45.25 3.23
CA LEU B 242 12.79 -44.63 2.16
C LEU B 242 11.99 -43.57 1.41
N TRP B 243 10.70 -43.76 1.19
CA TRP B 243 9.90 -42.78 0.51
C TRP B 243 8.41 -42.86 0.91
N LYS B 244 7.79 -41.73 1.23
CA LYS B 244 6.37 -41.65 1.53
C LYS B 244 5.72 -40.88 0.38
N GLY B 245 5.12 -41.61 -0.55
CA GLY B 245 4.50 -41.00 -1.70
C GLY B 245 3.07 -40.58 -1.45
N GLU B 246 2.40 -40.14 -2.52
CA GLU B 246 1.01 -39.74 -2.41
C GLU B 246 0.12 -40.92 -2.03
N GLY B 247 0.39 -42.09 -2.60
CA GLY B 247 -0.40 -43.27 -2.31
C GLY B 247 0.43 -44.53 -2.17
N ALA B 248 1.69 -44.38 -1.78
CA ALA B 248 2.58 -45.52 -1.62
C ALA B 248 3.61 -45.22 -0.54
N VAL B 249 4.20 -46.28 -0.01
CA VAL B 249 5.27 -46.18 0.98
C VAL B 249 6.35 -47.17 0.56
N VAL B 250 7.51 -46.66 0.16
CA VAL B 250 8.64 -47.48 -0.25
C VAL B 250 9.58 -47.62 0.93
N ILE B 251 9.88 -48.86 1.31
CA ILE B 251 10.63 -49.18 2.50
C ILE B 251 11.70 -50.21 2.16
N GLN B 252 12.65 -50.37 3.08
CA GLN B 252 13.71 -51.37 2.95
C GLN B 252 13.72 -52.25 4.19
N ASP B 253 13.83 -53.56 3.99
CA ASP B 253 13.92 -54.51 5.09
C ASP B 253 14.94 -55.58 4.72
N ASN B 254 15.97 -55.73 5.55
CA ASN B 254 17.00 -56.74 5.37
C ASN B 254 17.55 -56.71 3.94
N SER B 255 17.87 -55.50 3.47
CA SER B 255 18.48 -55.30 2.15
C SER B 255 17.55 -55.74 1.02
N ASP B 256 16.25 -55.65 1.24
CA ASP B 256 15.25 -55.87 0.19
C ASP B 256 14.30 -54.69 0.18
N ILE B 257 14.16 -54.05 -0.98
CA ILE B 257 13.33 -52.87 -1.11
C ILE B 257 11.94 -53.31 -1.57
N LYS B 258 10.92 -52.84 -0.85
CA LYS B 258 9.54 -53.21 -1.13
C LYS B 258 8.68 -51.96 -1.11
N VAL B 259 7.47 -52.10 -1.64
CA VAL B 259 6.48 -51.03 -1.70
C VAL B 259 5.19 -51.54 -1.08
N VAL B 260 4.53 -50.73 -0.24
CA VAL B 260 3.29 -51.16 0.38
C VAL B 260 2.31 -50.01 0.34
N PRO B 261 1.01 -50.32 0.45
CA PRO B 261 -0.01 -49.26 0.43
C PRO B 261 0.06 -48.42 1.70
N ARG B 262 -0.35 -47.16 1.60
CA ARG B 262 -0.34 -46.26 2.75
C ARG B 262 -1.23 -46.80 3.85
N ARG B 263 -2.33 -47.45 3.46
CA ARG B 263 -3.27 -48.02 4.43
C ARG B 263 -2.67 -49.19 5.18
N LYS B 264 -1.87 -50.02 4.50
CA LYS B 264 -1.28 -51.19 5.14
C LYS B 264 -0.07 -50.84 6.00
N ALA B 265 0.51 -49.65 5.85
CA ALA B 265 1.72 -49.27 6.55
C ALA B 265 1.42 -48.37 7.74
N LYS B 266 2.16 -48.57 8.82
CA LYS B 266 2.05 -47.73 10.02
C LYS B 266 3.43 -47.17 10.33
N ILE B 267 3.54 -45.84 10.37
CA ILE B 267 4.81 -45.14 10.53
C ILE B 267 4.84 -44.50 11.91
N ILE B 268 5.94 -44.70 12.64
CA ILE B 268 6.16 -44.07 13.92
C ILE B 268 7.59 -43.53 13.95
N ARG B 269 7.89 -42.76 15.00
CA ARG B 269 9.23 -42.20 15.14
C ARG B 269 10.21 -43.30 15.55
N GLU C 212 16.33 -40.43 -26.85
CA GLU C 212 16.40 -39.57 -28.01
C GLU C 212 15.85 -38.18 -27.64
N LEU C 213 15.17 -37.49 -28.57
CA LEU C 213 14.69 -36.15 -28.30
C LEU C 213 13.81 -36.09 -27.06
N GLN C 214 13.06 -37.16 -26.79
CA GLN C 214 12.10 -37.12 -25.69
C GLN C 214 12.78 -36.95 -24.35
N LYS C 215 13.95 -37.57 -24.14
CA LYS C 215 14.61 -37.42 -22.85
C LYS C 215 14.95 -35.97 -22.59
N GLN C 216 15.45 -35.28 -23.63
CA GLN C 216 15.80 -33.87 -23.50
C GLN C 216 14.57 -32.99 -23.30
N ILE C 217 13.49 -33.30 -24.01
CA ILE C 217 12.26 -32.53 -23.81
C ILE C 217 11.79 -32.67 -22.38
N THR C 218 11.80 -33.89 -21.85
CA THR C 218 11.37 -34.09 -20.46
C THR C 218 12.30 -33.38 -19.49
N LYS C 219 13.62 -33.41 -19.75
CA LYS C 219 14.56 -32.70 -18.89
C LYS C 219 14.26 -31.21 -18.86
N ILE C 220 14.02 -30.61 -20.03
CA ILE C 220 13.67 -29.20 -20.06
C ILE C 220 12.35 -28.96 -19.33
N GLN C 221 11.45 -29.91 -19.46
CA GLN C 221 10.14 -29.83 -18.83
C GLN C 221 10.24 -29.90 -17.31
N ASN C 222 11.35 -30.44 -16.81
CA ASN C 222 11.51 -30.59 -15.36
C ASN C 222 11.75 -29.28 -14.65
N PHE C 223 12.20 -28.25 -15.35
CA PHE C 223 12.48 -26.96 -14.72
C PHE C 223 11.18 -26.26 -14.32
N ARG C 224 11.30 -25.39 -13.33
CA ARG C 224 10.17 -24.64 -12.80
C ARG C 224 10.34 -23.16 -13.11
N VAL C 225 9.24 -22.47 -13.36
CA VAL C 225 9.25 -21.07 -13.76
C VAL C 225 8.32 -20.29 -12.85
N TYR C 226 8.84 -19.22 -12.24
CA TYR C 226 8.04 -18.23 -11.53
C TYR C 226 7.92 -16.99 -12.37
N TYR C 227 6.71 -16.48 -12.53
CA TYR C 227 6.45 -15.42 -13.50
C TYR C 227 5.47 -14.42 -12.93
N ARG C 228 5.40 -13.27 -13.58
CA ARG C 228 4.44 -12.23 -13.23
C ARG C 228 3.76 -11.73 -14.49
N ASP C 229 2.52 -11.28 -14.34
CA ASP C 229 1.76 -10.71 -15.44
C ASP C 229 2.00 -9.21 -15.52
N SER C 230 1.52 -8.61 -16.61
CA SER C 230 1.91 -7.25 -16.94
C SER C 230 1.38 -6.20 -15.95
N ARG C 231 0.47 -6.57 -15.06
CA ARG C 231 -0.05 -5.60 -14.10
C ARG C 231 -0.03 -6.13 -12.67
N ASP C 232 -0.08 -7.45 -12.51
CA ASP C 232 -0.10 -8.05 -11.18
C ASP C 232 1.32 -8.08 -10.61
N PRO C 233 1.56 -7.50 -9.43
CA PRO C 233 2.92 -7.49 -8.88
C PRO C 233 3.30 -8.74 -8.11
N VAL C 234 2.37 -9.66 -7.86
CA VAL C 234 2.65 -10.86 -7.08
C VAL C 234 3.15 -11.96 -8.01
N TRP C 235 4.16 -12.69 -7.57
CA TRP C 235 4.78 -13.72 -8.39
C TRP C 235 3.89 -14.95 -8.45
N LYS C 236 3.66 -15.44 -9.66
CA LYS C 236 2.83 -16.61 -9.86
C LYS C 236 3.61 -17.88 -9.54
N GLY C 237 2.88 -18.92 -9.14
CA GLY C 237 3.47 -20.12 -8.60
C GLY C 237 4.41 -20.80 -9.56
N PRO C 238 4.92 -21.97 -9.15
CA PRO C 238 5.94 -22.66 -9.95
C PRO C 238 5.37 -23.33 -11.19
N ALA C 239 5.24 -22.58 -12.27
CA ALA C 239 4.77 -23.12 -13.54
C ALA C 239 5.77 -24.15 -14.07
N LYS C 240 5.44 -24.78 -15.18
CA LYS C 240 6.27 -25.81 -15.80
C LYS C 240 6.81 -25.28 -17.12
N LEU C 241 8.13 -25.32 -17.27
CA LEU C 241 8.76 -24.79 -18.47
C LEU C 241 8.51 -25.73 -19.65
N LEU C 242 8.27 -25.15 -20.81
CA LEU C 242 8.10 -25.91 -22.04
C LEU C 242 9.07 -25.47 -23.13
N TRP C 243 9.34 -24.18 -23.24
CA TRP C 243 10.34 -23.67 -24.16
C TRP C 243 10.99 -22.46 -23.52
N LYS C 244 12.29 -22.31 -23.73
CA LYS C 244 13.03 -21.11 -23.33
C LYS C 244 13.67 -20.52 -24.58
N GLY C 245 13.39 -19.26 -24.85
CA GLY C 245 13.94 -18.55 -25.97
C GLY C 245 14.80 -17.38 -25.52
N GLU C 246 15.31 -16.65 -26.52
CA GLU C 246 16.13 -15.49 -26.21
C GLU C 246 15.30 -14.36 -25.62
N GLY C 247 14.03 -14.26 -26.01
CA GLY C 247 13.21 -13.15 -25.57
C GLY C 247 11.98 -13.56 -24.78
N ALA C 248 11.46 -14.76 -25.01
CA ALA C 248 10.25 -15.22 -24.35
C ALA C 248 10.42 -16.66 -23.90
N VAL C 249 9.65 -17.03 -22.89
CA VAL C 249 9.61 -18.40 -22.38
C VAL C 249 8.17 -18.88 -22.43
N VAL C 250 7.96 -20.04 -23.03
CA VAL C 250 6.64 -20.66 -23.13
C VAL C 250 6.51 -21.63 -21.98
N ILE C 251 5.52 -21.39 -21.11
CA ILE C 251 5.33 -22.18 -19.91
C ILE C 251 3.91 -22.74 -19.90
N GLN C 252 3.69 -23.70 -19.00
CA GLN C 252 2.37 -24.27 -18.77
C GLN C 252 2.05 -24.13 -17.29
N ASP C 253 1.01 -23.36 -16.98
CA ASP C 253 0.57 -23.15 -15.60
C ASP C 253 -0.88 -23.58 -15.50
N ASN C 254 -1.14 -24.68 -14.79
CA ASN C 254 -2.48 -25.19 -14.57
C ASN C 254 -3.18 -25.47 -15.91
N SER C 255 -2.56 -26.34 -16.70
CA SER C 255 -3.08 -26.74 -18.01
C SER C 255 -3.27 -25.56 -18.95
N ASP C 256 -2.69 -24.41 -18.63
CA ASP C 256 -2.78 -23.22 -19.46
C ASP C 256 -1.39 -22.88 -19.97
N ILE C 257 -1.27 -22.70 -21.28
CA ILE C 257 0.00 -22.34 -21.90
C ILE C 257 0.09 -20.82 -21.97
N LYS C 258 1.23 -20.26 -21.57
CA LYS C 258 1.47 -18.83 -21.60
C LYS C 258 2.83 -18.55 -22.22
N VAL C 259 3.00 -17.34 -22.72
CA VAL C 259 4.24 -16.88 -23.33
C VAL C 259 4.70 -15.66 -22.53
N VAL C 260 5.58 -15.88 -21.57
CA VAL C 260 6.01 -14.85 -20.63
C VAL C 260 7.28 -14.20 -21.17
N PRO C 261 7.38 -12.87 -21.18
CA PRO C 261 8.64 -12.24 -21.58
C PRO C 261 9.78 -12.69 -20.67
N ARG C 262 10.98 -12.77 -21.25
CA ARG C 262 12.12 -13.29 -20.49
C ARG C 262 12.42 -12.45 -19.27
N ARG C 263 12.12 -11.15 -19.32
CA ARG C 263 12.43 -10.28 -18.19
C ARG C 263 11.49 -10.48 -17.00
N LYS C 264 10.40 -11.23 -17.17
CA LYS C 264 9.43 -11.46 -16.11
C LYS C 264 9.45 -12.90 -15.62
N ALA C 265 10.55 -13.63 -15.86
CA ALA C 265 10.61 -15.05 -15.54
C ALA C 265 11.85 -15.34 -14.71
N LYS C 266 11.67 -16.19 -13.69
CA LYS C 266 12.76 -16.77 -12.92
C LYS C 266 12.67 -18.28 -13.09
N ILE C 267 13.68 -18.87 -13.74
CA ILE C 267 13.69 -20.29 -14.07
C ILE C 267 14.69 -20.97 -13.14
N ILE C 268 14.21 -21.96 -12.39
CA ILE C 268 15.05 -22.72 -11.46
C ILE C 268 14.62 -24.17 -11.49
N ARG C 269 15.60 -25.08 -11.39
CA ARG C 269 15.31 -26.47 -11.07
C ARG C 269 15.39 -26.60 -9.55
N ASP C 270 14.26 -26.40 -8.90
CA ASP C 270 14.24 -26.45 -7.44
C ASP C 270 14.83 -27.77 -6.96
N TYR C 271 15.85 -27.67 -6.11
CA TYR C 271 16.49 -28.85 -5.57
C TYR C 271 15.74 -29.43 -4.38
N GLY C 272 14.46 -29.07 -4.26
CA GLY C 272 13.49 -29.90 -3.59
C GLY C 272 12.98 -31.03 -4.47
N ASN D 222 -3.27 10.87 -31.33
CA ASN D 222 -2.74 11.98 -30.55
C ASN D 222 -3.26 11.94 -29.12
N PHE D 223 -2.43 12.37 -28.18
CA PHE D 223 -2.78 12.39 -26.77
C PHE D 223 -2.21 13.66 -26.13
N ARG D 224 -2.72 13.96 -24.95
CA ARG D 224 -2.18 15.01 -24.10
C ARG D 224 -1.65 14.38 -22.82
N VAL D 225 -0.39 14.66 -22.49
CA VAL D 225 0.26 14.11 -21.32
C VAL D 225 0.60 15.24 -20.37
N TYR D 226 0.19 15.08 -19.11
CA TYR D 226 0.55 15.99 -18.03
C TYR D 226 1.37 15.24 -17.01
N TYR D 227 2.56 15.75 -16.70
CA TYR D 227 3.57 14.96 -16.01
C TYR D 227 4.27 15.78 -14.94
N ARG D 228 4.88 15.06 -14.01
CA ARG D 228 5.76 15.61 -12.98
C ARG D 228 7.08 14.87 -13.08
N ASP D 229 8.15 15.56 -13.49
CA ASP D 229 9.33 14.87 -13.99
C ASP D 229 10.40 14.62 -12.92
N SER D 230 10.94 15.68 -12.34
CA SER D 230 12.17 15.56 -11.54
C SER D 230 12.02 16.38 -10.26
N ARG D 231 11.66 15.70 -9.17
CA ARG D 231 11.58 16.29 -7.84
C ARG D 231 11.01 17.70 -7.88
N ASP D 232 10.05 17.91 -8.77
CA ASP D 232 9.38 19.22 -8.93
C ASP D 232 7.88 19.01 -8.71
N PRO D 233 7.34 19.38 -7.56
CA PRO D 233 5.92 19.07 -7.30
C PRO D 233 4.97 19.67 -8.34
N VAL D 234 5.36 20.73 -9.02
CA VAL D 234 4.49 21.36 -10.00
C VAL D 234 4.33 20.42 -11.20
N TRP D 235 3.09 20.17 -11.59
CA TRP D 235 2.82 19.39 -12.78
C TRP D 235 2.94 20.26 -14.03
N LYS D 236 3.28 19.62 -15.14
CA LYS D 236 3.49 20.30 -16.41
C LYS D 236 2.58 19.67 -17.46
N GLY D 237 2.64 20.24 -18.67
CA GLY D 237 1.84 19.76 -19.76
C GLY D 237 0.99 20.86 -20.36
N PRO D 238 0.26 20.54 -21.43
CA PRO D 238 0.18 19.24 -22.11
C PRO D 238 1.42 18.96 -22.95
N ALA D 239 1.69 17.69 -23.21
CA ALA D 239 2.82 17.28 -24.03
C ALA D 239 2.38 16.17 -24.97
N LYS D 240 3.11 16.01 -26.06
CA LYS D 240 2.80 14.97 -27.03
C LYS D 240 3.39 13.63 -26.60
N LEU D 241 2.57 12.59 -26.69
CA LEU D 241 2.99 11.23 -26.31
C LEU D 241 3.69 10.59 -27.51
N LEU D 242 4.98 10.28 -27.34
CA LEU D 242 5.77 9.66 -28.39
C LEU D 242 5.74 8.15 -28.31
N TRP D 243 5.78 7.60 -27.09
CA TRP D 243 5.83 6.15 -26.93
C TRP D 243 5.28 5.81 -25.55
N LYS D 244 4.41 4.81 -25.49
CA LYS D 244 3.84 4.36 -24.22
C LYS D 244 4.28 2.94 -23.96
N GLY D 245 4.87 2.71 -22.78
CA GLY D 245 5.29 1.40 -22.36
C GLY D 245 4.70 1.04 -21.02
N GLU D 246 5.05 -0.15 -20.55
CA GLU D 246 4.62 -0.61 -19.24
C GLU D 246 5.51 0.03 -18.18
N GLY D 247 4.98 1.01 -17.46
CA GLY D 247 5.67 1.65 -16.38
C GLY D 247 6.27 3.00 -16.72
N ALA D 248 6.44 3.32 -17.99
CA ALA D 248 7.02 4.61 -18.38
C ALA D 248 6.49 5.02 -19.74
N VAL D 249 6.55 6.32 -20.00
CA VAL D 249 6.12 6.90 -21.26
C VAL D 249 7.15 7.95 -21.69
N VAL D 250 7.49 7.93 -22.97
CA VAL D 250 8.35 8.93 -23.58
C VAL D 250 7.47 9.97 -24.25
N ILE D 251 7.64 11.23 -23.85
CA ILE D 251 6.82 12.34 -24.29
C ILE D 251 7.72 13.45 -24.81
N GLN D 252 7.12 14.37 -25.56
CA GLN D 252 7.80 15.52 -26.11
C GLN D 252 7.08 16.78 -25.64
N ASP D 253 7.83 17.68 -25.00
CA ASP D 253 7.28 18.90 -24.41
C ASP D 253 8.09 20.08 -24.93
N ASN D 254 7.62 20.69 -26.01
CA ASN D 254 8.30 21.83 -26.62
C ASN D 254 9.72 21.47 -27.06
N SER D 255 9.79 20.54 -28.00
CA SER D 255 11.06 20.10 -28.60
C SER D 255 11.98 19.47 -27.58
N ASP D 256 11.45 19.06 -26.43
CA ASP D 256 12.24 18.44 -25.37
C ASP D 256 11.64 17.07 -25.08
N ILE D 257 12.46 16.03 -25.18
CA ILE D 257 12.01 14.67 -24.94
C ILE D 257 12.26 14.31 -23.48
N LYS D 258 11.25 13.74 -22.84
CA LYS D 258 11.36 13.30 -21.46
C LYS D 258 10.83 11.87 -21.34
N VAL D 259 11.34 11.15 -20.35
CA VAL D 259 10.86 9.81 -20.02
C VAL D 259 10.31 9.88 -18.61
N VAL D 260 9.02 9.58 -18.45
CA VAL D 260 8.33 9.78 -17.18
C VAL D 260 7.66 8.48 -16.77
N PRO D 261 7.81 8.01 -15.54
CA PRO D 261 7.04 6.85 -15.11
C PRO D 261 5.55 7.15 -15.13
N ARG D 262 4.76 6.12 -15.44
CA ARG D 262 3.32 6.33 -15.56
C ARG D 262 2.69 6.77 -14.25
N ARG D 263 3.34 6.53 -13.12
CA ARG D 263 2.84 7.05 -11.86
C ARG D 263 2.84 8.57 -11.83
N LYS D 264 3.73 9.18 -12.62
CA LYS D 264 3.89 10.63 -12.64
C LYS D 264 3.40 11.23 -13.97
N ALA D 265 2.51 10.53 -14.67
CA ALA D 265 1.98 11.01 -15.93
C ALA D 265 0.50 10.70 -16.01
N LYS D 266 -0.24 11.58 -16.65
CA LYS D 266 -1.66 11.40 -16.93
C LYS D 266 -1.88 11.63 -18.42
N ILE D 267 -2.52 10.67 -19.08
CA ILE D 267 -2.74 10.69 -20.52
C ILE D 267 -4.23 10.85 -20.78
N ILE D 268 -4.58 11.78 -21.65
CA ILE D 268 -5.98 11.99 -22.04
C ILE D 268 -6.14 11.71 -23.52
N PHE G 1 16.64 -34.44 17.05
CA PHE G 1 17.21 -33.12 16.63
C PHE G 1 17.61 -32.30 17.85
N LEU G 2 17.70 -32.95 19.01
CA LEU G 2 17.96 -32.22 20.24
C LEU G 2 19.34 -31.55 20.21
N ASP G 3 20.35 -32.26 19.70
CA ASP G 3 21.66 -31.62 19.52
C ASP G 3 21.60 -30.53 18.47
N GLY G 4 20.72 -30.68 17.48
CA GLY G 4 20.51 -29.62 16.52
C GLY G 4 20.07 -28.32 17.16
N ILE G 5 19.37 -28.41 18.29
CA ILE G 5 18.94 -27.18 18.97
C ILE G 5 20.14 -26.38 19.44
N ASP G 6 21.11 -27.04 20.08
CA ASP G 6 22.31 -26.34 20.53
C ASP G 6 23.14 -25.85 19.36
N LYS G 7 23.28 -26.68 18.33
CA LYS G 7 24.04 -26.25 17.15
C LYS G 7 23.41 -25.01 16.54
N ALA G 8 22.08 -25.00 16.39
CA ALA G 8 21.39 -23.86 15.82
C ALA G 8 21.44 -22.65 16.73
N GLN G 9 21.44 -22.85 18.05
CA GLN G 9 21.55 -21.71 18.95
C GLN G 9 22.90 -21.03 18.79
N GLU G 10 23.99 -21.81 18.69
CA GLU G 10 25.29 -21.21 18.43
C GLU G 10 25.31 -20.53 17.07
N GLU G 11 24.76 -21.20 16.05
CA GLU G 11 24.72 -20.62 14.71
C GLU G 11 23.98 -19.29 14.70
N HIS G 12 22.90 -19.19 15.48
CA HIS G 12 22.12 -17.96 15.52
C HIS G 12 22.84 -16.88 16.31
N GLU G 13 23.45 -17.26 17.44
CA GLU G 13 24.25 -16.30 18.19
C GLU G 13 25.34 -15.68 17.32
N LYS G 14 25.89 -16.46 16.39
CA LYS G 14 26.88 -15.91 15.48
C LYS G 14 26.23 -15.08 14.37
N TYR G 15 25.38 -15.72 13.55
CA TYR G 15 24.91 -15.13 12.30
C TYR G 15 23.51 -14.55 12.38
N HIS G 16 22.72 -14.89 13.39
CA HIS G 16 21.33 -14.45 13.50
C HIS G 16 20.54 -14.88 12.27
N SER G 17 20.46 -16.20 12.09
CA SER G 17 19.71 -16.77 10.98
C SER G 17 18.22 -16.81 11.31
N ASN G 18 17.40 -16.69 10.27
CA ASN G 18 15.96 -16.79 10.45
C ASN G 18 15.56 -18.24 10.63
N TRP G 19 14.30 -18.46 11.05
CA TRP G 19 13.87 -19.79 11.42
C TRP G 19 13.92 -20.76 10.24
N ARG G 20 13.70 -20.27 9.02
CA ARG G 20 13.77 -21.15 7.86
C ARG G 20 15.17 -21.72 7.69
N ALA G 21 16.19 -20.87 7.81
CA ALA G 21 17.56 -21.34 7.65
C ALA G 21 17.93 -22.34 8.72
N MET G 22 17.58 -22.07 9.97
CA MET G 22 17.90 -23.00 11.05
C MET G 22 17.18 -24.33 10.85
N ALA G 23 15.90 -24.28 10.49
CA ALA G 23 15.17 -25.53 10.26
C ALA G 23 15.78 -26.33 9.13
N SER G 24 16.16 -25.66 8.03
CA SER G 24 16.71 -26.38 6.89
C SER G 24 18.08 -26.97 7.20
N ASP G 25 18.94 -26.21 7.86
CA ASP G 25 20.32 -26.61 8.08
C ASP G 25 20.54 -27.37 9.38
N PHE G 26 19.48 -27.61 10.17
CA PHE G 26 19.63 -28.38 11.39
C PHE G 26 18.46 -29.34 11.60
N ASN G 27 17.57 -29.51 10.64
CA ASN G 27 16.45 -30.44 10.74
C ASN G 27 15.60 -30.14 11.97
N LEU G 28 15.43 -28.88 12.26
CA LEU G 28 14.59 -28.50 13.39
C LEU G 28 13.13 -28.37 12.94
N PRO G 29 12.17 -28.71 13.78
CA PRO G 29 10.78 -28.38 13.47
C PRO G 29 10.61 -26.88 13.42
N PRO G 30 9.68 -26.39 12.59
CA PRO G 30 9.49 -24.93 12.51
C PRO G 30 9.18 -24.28 13.85
N VAL G 31 8.48 -24.98 14.74
CA VAL G 31 8.18 -24.39 16.04
C VAL G 31 9.45 -24.11 16.82
N VAL G 32 10.40 -25.05 16.81
CA VAL G 32 11.62 -24.88 17.60
C VAL G 32 12.49 -23.79 16.98
N ALA G 33 12.59 -23.75 15.66
CA ALA G 33 13.36 -22.69 15.01
C ALA G 33 12.76 -21.31 15.30
N LYS G 34 11.43 -21.21 15.22
CA LYS G 34 10.79 -19.95 15.54
C LYS G 34 11.01 -19.56 17.00
N GLU G 35 11.00 -20.54 17.90
CA GLU G 35 11.30 -20.26 19.30
C GLU G 35 12.72 -19.73 19.47
N ILE G 36 13.68 -20.34 18.77
CA ILE G 36 15.06 -19.88 18.86
C ILE G 36 15.16 -18.44 18.38
N VAL G 37 14.51 -18.13 17.25
CA VAL G 37 14.55 -16.76 16.74
C VAL G 37 13.90 -15.80 17.73
N ALA G 38 12.76 -16.19 18.30
CA ALA G 38 12.00 -15.31 19.18
C ALA G 38 12.67 -15.10 20.53
N SER G 39 13.68 -15.89 20.87
CA SER G 39 14.42 -15.71 22.12
C SER G 39 15.58 -14.75 21.96
N CYS G 40 15.84 -14.25 20.75
CA CYS G 40 16.96 -13.36 20.49
C CYS G 40 16.46 -11.93 20.45
N ASP G 41 16.96 -11.10 21.38
CA ASP G 41 16.53 -9.72 21.46
C ASP G 41 16.90 -8.94 20.21
N LYS G 42 18.00 -9.30 19.56
CA LYS G 42 18.50 -8.56 18.41
C LYS G 42 17.69 -8.82 17.13
N CYS G 43 16.84 -9.85 17.12
CA CYS G 43 16.05 -10.20 15.95
C CYS G 43 14.62 -9.69 16.03
N GLN G 44 14.30 -8.87 17.03
CA GLN G 44 12.94 -8.29 17.19
C GLN G 44 12.99 -6.89 16.59
N LEU G 45 12.81 -6.79 15.27
CA LEU G 45 13.01 -5.55 14.54
C LEU G 45 11.86 -5.25 13.57
N LYS G 46 10.66 -5.73 13.85
CA LYS G 46 9.54 -5.48 12.95
C LYS G 46 8.23 -5.59 13.73
N GLY G 47 7.34 -4.64 13.50
CA GLY G 47 6.02 -4.66 14.09
C GLY G 47 5.00 -5.31 13.16
N GLU G 48 3.78 -5.45 13.68
CA GLU G 48 2.73 -6.10 12.91
C GLU G 48 2.30 -5.21 11.75
N ALA G 49 1.99 -5.85 10.62
CA ALA G 49 1.59 -5.15 9.40
C ALA G 49 0.09 -4.92 9.45
N MET G 50 -0.31 -3.91 10.22
CA MET G 50 -1.71 -3.53 10.30
C MET G 50 -1.77 -2.03 10.59
N HIS G 51 -2.92 -1.44 10.27
CA HIS G 51 -3.19 -0.04 10.55
C HIS G 51 -4.41 0.06 11.45
N GLY G 52 -4.36 0.97 12.42
CA GLY G 52 -5.51 1.24 13.24
C GLY G 52 -6.54 2.07 12.51
N GLN G 53 -7.60 2.41 13.22
CA GLN G 53 -8.69 3.21 12.68
C GLN G 53 -8.96 4.38 13.62
N VAL G 54 -8.91 5.60 13.08
CA VAL G 54 -9.12 6.78 13.91
C VAL G 54 -10.59 6.88 14.31
N ASP G 55 -10.85 7.69 15.34
CA ASP G 55 -12.21 7.95 15.77
C ASP G 55 -12.95 8.77 14.73
N CYS G 56 -14.21 8.43 14.48
CA CYS G 56 -15.02 9.08 13.46
C CYS G 56 -16.38 9.48 14.02
N SER G 57 -16.46 9.76 15.32
CA SER G 57 -17.71 10.17 15.93
C SER G 57 -18.12 11.54 15.39
N PRO G 58 -19.40 11.88 15.48
CA PRO G 58 -19.87 13.15 14.90
C PRO G 58 -19.25 14.39 15.53
N GLY G 59 -18.78 14.31 16.77
CA GLY G 59 -18.31 15.47 17.49
C GLY G 59 -16.82 15.64 17.60
N ILE G 60 -16.02 14.91 16.81
CA ILE G 60 -14.57 14.93 16.91
C ILE G 60 -14.01 15.71 15.73
N TRP G 61 -13.17 16.69 16.03
CA TRP G 61 -12.46 17.47 15.03
C TRP G 61 -10.96 17.22 15.15
N GLN G 62 -10.28 17.16 14.02
CA GLN G 62 -8.83 16.99 13.98
C GLN G 62 -8.19 18.28 13.49
N LEU G 63 -7.24 18.81 14.26
CA LEU G 63 -6.60 20.08 13.96
C LEU G 63 -5.11 19.86 13.71
N ASP G 64 -4.55 20.70 12.86
CA ASP G 64 -3.13 20.64 12.54
C ASP G 64 -2.69 22.01 12.03
N CYS G 65 -1.38 22.21 11.99
CA CYS G 65 -0.77 23.40 11.42
C CYS G 65 0.10 22.99 10.25
N THR G 66 -0.19 23.54 9.08
CA THR G 66 0.62 23.35 7.90
C THR G 66 1.29 24.66 7.53
N HIS G 67 2.25 24.60 6.62
CA HIS G 67 3.03 25.76 6.23
C HIS G 67 2.98 25.93 4.73
N LEU G 68 2.94 27.18 4.29
CA LEU G 68 2.86 27.47 2.86
C LEU G 68 3.36 28.87 2.60
N GLU G 69 4.37 28.99 1.75
CA GLU G 69 4.92 30.30 1.36
C GLU G 69 5.39 31.09 2.57
N GLY G 70 5.92 30.38 3.56
CA GLY G 70 6.40 31.03 4.77
C GLY G 70 5.33 31.38 5.76
N LYS G 71 4.06 31.10 5.45
CA LYS G 71 2.94 31.39 6.33
C LYS G 71 2.48 30.12 7.03
N VAL G 72 1.78 30.31 8.14
CA VAL G 72 1.25 29.22 8.96
C VAL G 72 -0.26 29.17 8.73
N ILE G 73 -0.77 28.01 8.34
CA ILE G 73 -2.18 27.78 8.12
C ILE G 73 -2.65 26.77 9.16
N LEU G 74 -3.56 27.18 10.03
CA LEU G 74 -4.18 26.31 11.01
C LEU G 74 -5.45 25.73 10.39
N VAL G 75 -5.51 24.41 10.29
CA VAL G 75 -6.58 23.70 9.59
C VAL G 75 -7.27 22.77 10.56
N ALA G 76 -8.60 22.81 10.57
CA ALA G 76 -9.43 21.88 11.34
C ALA G 76 -10.34 21.14 10.37
N VAL G 77 -10.56 19.85 10.64
CA VAL G 77 -11.41 19.01 9.80
C VAL G 77 -12.40 18.28 10.70
N HIS G 78 -13.66 18.25 10.29
CA HIS G 78 -14.67 17.41 10.91
C HIS G 78 -14.49 16.00 10.40
N VAL G 79 -14.11 15.08 11.29
CA VAL G 79 -13.69 13.75 10.84
C VAL G 79 -14.83 13.02 10.15
N ALA G 80 -16.03 13.13 10.70
CA ALA G 80 -17.15 12.36 10.17
C ALA G 80 -17.55 12.80 8.77
N SER G 81 -17.36 14.08 8.44
CA SER G 81 -17.88 14.62 7.20
C SER G 81 -16.83 15.13 6.23
N GLY G 82 -15.61 15.42 6.69
CA GLY G 82 -14.60 16.01 5.83
C GLY G 82 -14.72 17.50 5.68
N TYR G 83 -15.57 18.16 6.45
CA TYR G 83 -15.73 19.60 6.39
C TYR G 83 -14.56 20.29 7.07
N ILE G 84 -13.95 21.27 6.39
CA ILE G 84 -12.71 21.87 6.86
C ILE G 84 -12.92 23.36 7.10
N GLU G 85 -12.14 23.89 8.04
CA GLU G 85 -11.98 25.32 8.24
C GLU G 85 -10.50 25.64 8.40
N ALA G 86 -10.00 26.56 7.59
CA ALA G 86 -8.59 26.90 7.58
C ALA G 86 -8.43 28.40 7.77
N GLU G 87 -7.45 28.79 8.57
CA GLU G 87 -7.14 30.20 8.78
C GLU G 87 -5.63 30.41 8.77
N VAL G 88 -5.17 31.41 8.06
CA VAL G 88 -3.77 31.82 8.10
C VAL G 88 -3.55 32.59 9.39
N ILE G 89 -2.71 32.06 10.28
CA ILE G 89 -2.47 32.69 11.57
C ILE G 89 -1.08 33.30 11.58
N PRO G 90 -0.86 34.41 12.28
CA PRO G 90 0.45 35.07 12.23
C PRO G 90 1.59 34.21 12.73
N ALA G 91 1.36 33.32 13.68
CA ALA G 91 2.43 32.48 14.20
C ALA G 91 1.82 31.26 14.89
N GLU G 92 2.65 30.22 15.03
CA GLU G 92 2.26 28.99 15.72
C GLU G 92 2.30 29.22 17.23
N THR G 93 1.34 29.99 17.71
CA THR G 93 1.27 30.35 19.12
C THR G 93 0.03 29.73 19.76
N GLY G 94 0.08 29.63 21.08
CA GLY G 94 -1.08 29.12 21.81
C GLY G 94 -2.27 30.06 21.74
N GLN G 95 -2.03 31.36 21.75
CA GLN G 95 -3.13 32.32 21.71
C GLN G 95 -3.90 32.22 20.41
N GLU G 96 -3.19 32.13 19.28
CA GLU G 96 -3.87 32.03 17.99
C GLU G 96 -4.69 30.75 17.89
N THR G 97 -4.13 29.63 18.35
CA THR G 97 -4.86 28.38 18.29
C THR G 97 -6.08 28.41 19.22
N ALA G 98 -5.94 29.01 20.40
CA ALA G 98 -7.09 29.12 21.30
C ALA G 98 -8.18 29.98 20.70
N TYR G 99 -7.81 31.09 20.06
CA TYR G 99 -8.79 31.91 19.37
C TYR G 99 -9.48 31.14 18.26
N PHE G 100 -8.70 30.41 17.46
CA PHE G 100 -9.27 29.61 16.38
C PHE G 100 -10.23 28.57 16.93
N LEU G 101 -9.87 27.95 18.05
CA LEU G 101 -10.70 26.90 18.63
C LEU G 101 -11.99 27.48 19.21
N LEU G 102 -11.91 28.65 19.84
CA LEU G 102 -13.13 29.30 20.33
C LEU G 102 -14.04 29.67 19.19
N LYS G 103 -13.48 30.24 18.11
CA LYS G 103 -14.28 30.52 16.93
C LYS G 103 -14.95 29.26 16.41
N LEU G 104 -14.18 28.18 16.26
CA LEU G 104 -14.74 26.94 15.74
C LEU G 104 -15.84 26.39 16.63
N ALA G 105 -15.63 26.42 17.95
CA ALA G 105 -16.63 25.91 18.88
C ALA G 105 -17.87 26.79 18.92
N GLY G 106 -17.75 28.07 18.57
CA GLY G 106 -18.92 28.92 18.51
C GLY G 106 -19.79 28.72 17.30
N ARG G 107 -19.26 28.09 16.24
CA ARG G 107 -20.00 27.85 15.02
C ARG G 107 -20.62 26.46 14.96
N TRP G 108 -19.86 25.43 15.29
CA TRP G 108 -20.28 24.04 15.19
C TRP G 108 -20.16 23.37 16.54
N PRO G 109 -20.90 22.28 16.77
CA PRO G 109 -20.81 21.59 18.06
C PRO G 109 -19.56 20.74 18.19
N VAL G 110 -18.46 21.37 18.61
CA VAL G 110 -17.20 20.66 18.82
C VAL G 110 -17.24 20.01 20.20
N LYS G 111 -17.11 18.69 20.23
CA LYS G 111 -17.06 17.94 21.49
C LYS G 111 -15.68 17.41 21.81
N THR G 112 -14.88 17.05 20.80
CA THR G 112 -13.53 16.55 20.99
C THR G 112 -12.63 17.14 19.92
N VAL G 113 -11.42 17.51 20.30
CA VAL G 113 -10.39 17.93 19.36
C VAL G 113 -9.22 16.98 19.49
N HIS G 114 -8.78 16.43 18.36
CA HIS G 114 -7.66 15.52 18.30
C HIS G 114 -6.52 16.19 17.54
N THR G 115 -5.35 16.26 18.16
CA THR G 115 -4.24 17.04 17.64
C THR G 115 -2.93 16.32 17.90
N ASP G 116 -1.90 16.71 17.15
CA ASP G 116 -0.55 16.28 17.46
C ASP G 116 -0.07 16.99 18.73
N ASN G 117 1.16 16.72 19.13
CA ASN G 117 1.73 17.28 20.35
C ASN G 117 2.49 18.57 20.11
N GLY G 118 2.12 19.34 19.08
CA GLY G 118 2.78 20.61 18.84
C GLY G 118 2.64 21.52 20.03
N SER G 119 3.58 22.46 20.15
CA SER G 119 3.64 23.31 21.33
C SER G 119 2.37 24.14 21.47
N ASN G 120 1.85 24.65 20.36
CA ASN G 120 0.64 25.46 20.44
C ASN G 120 -0.55 24.65 20.95
N PHE G 121 -0.68 23.41 20.49
CA PHE G 121 -1.83 22.59 20.90
C PHE G 121 -1.71 22.16 22.36
N THR G 122 -0.49 22.03 22.88
CA THR G 122 -0.27 21.59 24.24
C THR G 122 -0.17 22.75 25.22
N SER G 123 -0.33 23.98 24.76
CA SER G 123 -0.19 25.14 25.64
C SER G 123 -1.36 25.22 26.62
N THR G 124 -1.09 25.84 27.78
CA THR G 124 -2.14 26.02 28.77
C THR G 124 -3.26 26.92 28.26
N THR G 125 -2.98 27.78 27.29
CA THR G 125 -4.03 28.64 26.73
C THR G 125 -5.09 27.81 26.01
N VAL G 126 -4.65 26.86 25.17
CA VAL G 126 -5.61 25.99 24.49
C VAL G 126 -6.34 25.12 25.50
N LYS G 127 -5.66 24.70 26.56
CA LYS G 127 -6.34 23.95 27.62
C LYS G 127 -7.45 24.76 28.25
N ALA G 128 -7.17 26.03 28.55
CA ALA G 128 -8.21 26.88 29.15
C ALA G 128 -9.35 27.11 28.18
N ALA G 129 -9.04 27.34 26.89
CA ALA G 129 -10.10 27.55 25.91
C ALA G 129 -10.97 26.32 25.77
N CYS G 130 -10.37 25.12 25.77
CA CYS G 130 -11.15 23.91 25.68
C CYS G 130 -11.97 23.67 26.94
N TRP G 131 -11.41 23.99 28.11
CA TRP G 131 -12.16 23.84 29.35
C TRP G 131 -13.38 24.74 29.36
N TRP G 132 -13.22 25.99 28.93
CA TRP G 132 -14.36 26.90 28.93
C TRP G 132 -15.46 26.42 27.99
N ALA G 133 -15.08 25.95 26.80
CA ALA G 133 -16.05 25.50 25.81
C ALA G 133 -16.48 24.05 26.03
N GLY G 134 -15.96 23.38 27.05
CA GLY G 134 -16.34 22.00 27.31
C GLY G 134 -15.88 21.02 26.26
N ILE G 135 -14.70 21.23 25.69
CA ILE G 135 -14.14 20.35 24.67
C ILE G 135 -13.08 19.48 25.33
N LYS G 136 -13.13 18.17 25.05
CA LYS G 136 -12.11 17.25 25.52
C LYS G 136 -10.98 17.21 24.51
N GLN G 137 -9.75 17.12 25.00
CA GLN G 137 -8.57 17.14 24.17
C GLN G 137 -7.98 15.74 24.09
N GLU G 138 -7.72 15.28 22.86
CA GLU G 138 -7.02 14.03 22.62
C GLU G 138 -5.74 14.34 21.86
N PHE G 139 -4.64 13.77 22.32
CA PHE G 139 -3.34 13.92 21.66
C PHE G 139 -2.91 12.57 21.11
N GLY G 140 -2.49 12.55 19.87
CA GLY G 140 -1.99 11.32 19.28
C GLY G 140 -0.67 10.91 19.88
N ILE G 141 -0.29 9.66 19.63
CA ILE G 141 1.00 9.19 20.12
C ILE G 141 2.10 10.05 19.51
N PRO G 142 3.09 10.50 20.27
CA PRO G 142 4.06 11.45 19.73
C PRO G 142 4.75 10.90 18.49
N TYR G 143 4.98 11.78 17.52
CA TYR G 143 5.67 11.43 16.28
C TYR G 143 4.99 10.28 15.58
N ASN G 144 3.65 10.30 15.59
CA ASN G 144 2.82 9.32 14.89
C ASN G 144 1.79 10.09 14.07
N PRO G 145 2.18 10.65 12.93
CA PRO G 145 1.24 11.45 12.14
C PRO G 145 0.03 10.66 11.68
N GLN G 146 0.13 9.34 11.57
CA GLN G 146 -1.00 8.54 11.13
C GLN G 146 -2.20 8.70 12.06
N SER G 147 -1.95 8.97 13.34
CA SER G 147 -3.06 9.19 14.26
C SER G 147 -3.94 10.35 13.83
N GLN G 148 -3.36 11.33 13.14
CA GLN G 148 -4.08 12.48 12.62
C GLN G 148 -4.29 12.38 11.11
N GLY G 149 -4.21 11.17 10.55
CA GLY G 149 -4.29 10.96 9.13
C GLY G 149 -5.27 11.87 8.44
N VAL G 150 -6.52 11.88 8.92
CA VAL G 150 -7.58 12.66 8.27
C VAL G 150 -7.08 14.07 8.00
N ILE G 151 -6.76 14.81 9.07
CA ILE G 151 -6.38 16.20 8.89
C ILE G 151 -5.13 16.29 8.02
N GLU G 152 -4.18 15.38 8.23
CA GLU G 152 -2.99 15.39 7.38
C GLU G 152 -3.39 15.28 5.92
N SER G 153 -4.25 14.31 5.59
CA SER G 153 -4.73 14.21 4.22
C SER G 153 -5.29 15.53 3.75
N MET G 154 -6.14 16.16 4.57
CA MET G 154 -6.76 17.40 4.17
C MET G 154 -5.72 18.46 3.84
N ASN G 155 -4.65 18.53 4.64
CA ASN G 155 -3.56 19.44 4.31
C ASN G 155 -3.22 19.31 2.83
N LYS G 156 -2.83 18.10 2.42
CA LYS G 156 -2.57 17.82 1.02
C LYS G 156 -3.66 18.44 0.16
N GLU G 157 -4.90 17.97 0.35
CA GLU G 157 -6.01 18.45 -0.45
C GLU G 157 -6.06 19.97 -0.45
N LEU G 158 -6.02 20.57 0.74
CA LEU G 158 -6.10 22.02 0.82
C LEU G 158 -5.04 22.65 -0.07
N LYS G 159 -3.79 22.24 0.11
CA LYS G 159 -2.72 22.84 -0.68
C LYS G 159 -3.00 22.65 -2.16
N LYS G 160 -3.45 21.45 -2.54
CA LYS G 160 -3.77 21.20 -3.94
C LYS G 160 -4.71 22.27 -4.45
N ILE G 161 -5.81 22.51 -3.72
CA ILE G 161 -6.79 23.48 -4.19
C ILE G 161 -6.17 24.86 -4.28
N ILE G 162 -5.31 25.21 -3.32
CA ILE G 162 -4.67 26.51 -3.37
C ILE G 162 -3.86 26.63 -4.65
N GLY G 163 -3.15 25.57 -5.03
CA GLY G 163 -2.38 25.60 -6.26
C GLY G 163 -3.22 25.91 -7.48
N GLN G 164 -4.53 25.62 -7.42
CA GLN G 164 -5.42 25.89 -8.54
C GLN G 164 -6.01 27.28 -8.52
N VAL G 165 -5.98 27.98 -7.38
CA VAL G 165 -6.63 29.27 -7.25
C VAL G 165 -5.69 30.35 -6.74
N ARG G 166 -4.41 30.04 -6.51
CA ARG G 166 -3.48 31.03 -6.00
C ARG G 166 -3.38 32.23 -6.95
N ASP G 167 -3.48 32.00 -8.26
CA ASP G 167 -3.41 33.09 -9.21
C ASP G 167 -4.62 34.01 -9.18
N GLN G 168 -5.70 33.60 -8.50
CA GLN G 168 -6.91 34.41 -8.43
C GLN G 168 -6.93 35.35 -7.23
N ALA G 169 -5.87 35.38 -6.43
CA ALA G 169 -5.81 36.23 -5.25
C ALA G 169 -4.43 36.84 -5.13
N GLU G 170 -4.37 38.01 -4.49
CA GLU G 170 -3.11 38.70 -4.26
C GLU G 170 -2.50 38.39 -2.90
N HIS G 171 -3.15 37.55 -2.09
CA HIS G 171 -2.65 37.19 -0.78
C HIS G 171 -2.99 35.73 -0.50
N LEU G 172 -2.23 35.12 0.40
CA LEU G 172 -2.43 33.71 0.71
C LEU G 172 -3.69 33.49 1.54
N LYS G 173 -4.07 34.47 2.36
CA LYS G 173 -5.28 34.31 3.16
C LYS G 173 -6.52 34.18 2.27
N THR G 174 -6.62 35.04 1.25
CA THR G 174 -7.74 34.95 0.33
C THR G 174 -7.73 33.63 -0.42
N ALA G 175 -6.55 33.17 -0.84
CA ALA G 175 -6.47 31.89 -1.54
C ALA G 175 -6.88 30.75 -0.62
N VAL G 176 -6.52 30.82 0.65
CA VAL G 176 -6.90 29.79 1.60
C VAL G 176 -8.41 29.75 1.76
N GLN G 177 -9.04 30.93 1.86
CA GLN G 177 -10.49 30.97 2.00
C GLN G 177 -11.17 30.47 0.73
N MET G 178 -10.63 30.80 -0.44
CA MET G 178 -11.16 30.25 -1.67
C MET G 178 -11.05 28.74 -1.69
N ALA G 179 -9.92 28.20 -1.24
CA ALA G 179 -9.75 26.75 -1.21
C ALA G 179 -10.74 26.10 -0.24
N VAL G 180 -10.96 26.72 0.91
CA VAL G 180 -11.94 26.18 1.86
C VAL G 180 -13.33 26.18 1.24
N PHE G 181 -13.70 27.27 0.57
CA PHE G 181 -14.99 27.33 -0.10
C PHE G 181 -15.12 26.23 -1.14
N ILE G 182 -14.08 26.05 -1.96
CA ILE G 182 -14.13 25.07 -3.03
C ILE G 182 -14.25 23.66 -2.46
N HIS G 183 -13.47 23.36 -1.42
CA HIS G 183 -13.55 22.04 -0.82
C HIS G 183 -14.92 21.78 -0.19
N ASN G 184 -15.48 22.79 0.48
CA ASN G 184 -16.72 22.57 1.22
C ASN G 184 -17.94 22.51 0.31
N PHE G 185 -17.97 23.27 -0.79
CA PHE G 185 -19.19 23.41 -1.57
C PHE G 185 -19.00 23.25 -3.07
N LYS G 186 -17.83 22.80 -3.53
CA LYS G 186 -17.62 22.61 -4.96
C LYS G 186 -16.93 21.30 -5.30
N ARG G 187 -16.69 20.44 -4.31
CA ARG G 187 -16.15 19.11 -4.55
C ARG G 187 -17.14 18.10 -3.98
N LYS G 188 -17.66 17.24 -4.84
CA LYS G 188 -18.69 16.28 -4.47
C LYS G 188 -18.15 14.86 -4.59
N GLY G 189 -18.57 14.01 -3.66
CA GLY G 189 -18.11 12.64 -3.61
C GLY G 189 -18.25 12.11 -2.20
N GLY G 190 -17.78 10.88 -2.01
CA GLY G 190 -17.77 10.30 -0.69
C GLY G 190 -18.97 9.42 -0.41
N ILE G 191 -19.36 9.34 0.86
CA ILE G 191 -20.34 8.34 1.28
C ILE G 191 -21.68 8.56 0.60
N GLY G 192 -22.15 9.80 0.54
CA GLY G 192 -23.46 10.08 0.01
C GLY G 192 -23.45 10.86 -1.29
N GLY G 193 -22.30 10.86 -1.98
CA GLY G 193 -22.17 11.72 -3.14
C GLY G 193 -22.26 13.19 -2.80
N TYR G 194 -22.13 13.52 -1.52
CA TYR G 194 -22.33 14.86 -1.02
C TYR G 194 -21.09 15.72 -1.25
N SER G 195 -21.22 17.00 -0.92
CA SER G 195 -20.08 17.85 -0.64
C SER G 195 -19.89 17.92 0.87
N ALA G 196 -18.76 18.46 1.29
CA ALA G 196 -18.42 18.43 2.72
C ALA G 196 -19.46 19.18 3.55
N GLY G 197 -19.91 20.34 3.08
CA GLY G 197 -20.90 21.09 3.85
C GLY G 197 -22.22 20.36 3.97
N GLU G 198 -22.70 19.83 2.85
CA GLU G 198 -23.93 19.04 2.89
C GLU G 198 -23.75 17.84 3.81
N ARG G 199 -22.60 17.19 3.76
CA ARG G 199 -22.39 16.00 4.58
C ARG G 199 -22.36 16.35 6.06
N ILE G 200 -21.75 17.47 6.44
CA ILE G 200 -21.71 17.83 7.85
C ILE G 200 -23.10 18.22 8.33
N VAL G 201 -23.87 18.94 7.51
CA VAL G 201 -25.23 19.26 7.89
C VAL G 201 -26.04 17.98 8.07
N ASP G 202 -25.89 17.03 7.15
CA ASP G 202 -26.59 15.76 7.27
C ASP G 202 -26.19 15.02 8.54
N ILE G 203 -24.90 15.00 8.85
CA ILE G 203 -24.42 14.29 10.04
C ILE G 203 -25.03 14.89 11.30
N ILE G 204 -24.97 16.22 11.43
CA ILE G 204 -25.45 16.87 12.64
C ILE G 204 -26.97 16.73 12.75
N ALA G 205 -27.69 16.96 11.66
CA ALA G 205 -29.13 16.84 11.68
C ALA G 205 -29.56 15.43 12.02
N THR G 206 -28.87 14.43 11.45
CA THR G 206 -29.18 13.04 11.75
C THR G 206 -28.92 12.72 13.21
N ASP G 207 -27.83 13.23 13.77
CA ASP G 207 -27.56 13.02 15.19
C ASP G 207 -28.70 13.56 16.04
N ILE G 208 -29.12 14.80 15.77
CA ILE G 208 -30.18 15.41 16.58
C ILE G 208 -31.47 14.63 16.42
N GLN G 209 -31.84 14.32 15.18
CA GLN G 209 -33.12 13.65 14.93
C GLN G 209 -33.15 12.26 15.54
N THR G 210 -32.06 11.50 15.39
CA THR G 210 -32.02 10.17 15.96
C THR G 210 -32.05 10.22 17.48
N LYS G 211 -31.36 11.17 18.09
CA LYS G 211 -31.45 11.32 19.54
C LYS G 211 -32.89 11.57 19.97
N GLU G 212 -33.57 12.49 19.30
CA GLU G 212 -34.93 12.83 19.68
C GLU G 212 -35.85 11.62 19.53
N LEU G 213 -35.77 10.95 18.38
CA LEU G 213 -36.64 9.81 18.11
C LEU G 213 -36.38 8.67 19.08
N GLN G 214 -35.10 8.40 19.37
CA GLN G 214 -34.78 7.31 20.29
C GLN G 214 -35.25 7.63 21.69
N LYS G 215 -35.15 8.89 22.10
CA LYS G 215 -35.69 9.29 23.39
C LYS G 215 -37.18 9.00 23.45
N GLN G 216 -37.91 9.38 22.41
CA GLN G 216 -39.35 9.11 22.38
C GLN G 216 -39.62 7.60 22.44
N ILE G 217 -38.90 6.82 21.65
CA ILE G 217 -39.14 5.37 21.63
C ILE G 217 -38.91 4.79 23.01
N THR G 218 -37.79 5.14 23.64
CA THR G 218 -37.48 4.58 24.95
C THR G 218 -38.54 4.98 25.98
N LYS G 219 -38.97 6.24 25.96
CA LYS G 219 -40.00 6.65 26.91
C LYS G 219 -41.29 5.88 26.67
N ILE G 220 -41.60 5.58 25.41
CA ILE G 220 -42.84 4.87 25.09
C ILE G 220 -42.67 3.38 25.30
N GLN G 221 -41.74 2.78 24.57
CA GLN G 221 -41.57 1.33 24.59
C GLN G 221 -40.81 0.91 25.84
N ASN G 222 -41.46 0.12 26.69
CA ASN G 222 -40.82 -0.46 27.88
C ASN G 222 -41.10 -1.95 27.89
N PHE G 223 -40.03 -2.74 27.85
CA PHE G 223 -40.12 -4.20 27.94
C PHE G 223 -38.86 -4.73 28.57
N ARG G 224 -38.96 -5.93 29.16
CA ARG G 224 -37.82 -6.65 29.71
C ARG G 224 -37.76 -8.01 29.04
N VAL G 225 -36.57 -8.39 28.58
CA VAL G 225 -36.37 -9.62 27.81
C VAL G 225 -35.47 -10.54 28.60
N TYR G 226 -35.88 -11.81 28.71
CA TYR G 226 -35.07 -12.86 29.30
C TYR G 226 -34.64 -13.81 28.20
N TYR G 227 -33.37 -14.20 28.22
CA TYR G 227 -32.78 -15.03 27.17
C TYR G 227 -31.93 -16.12 27.80
N ARG G 228 -31.67 -17.16 27.01
CA ARG G 228 -30.88 -18.30 27.47
C ARG G 228 -31.52 -18.96 28.68
N LYS G 236 -31.20 -14.42 30.57
CA LYS G 236 -30.39 -14.15 31.76
C LYS G 236 -31.14 -13.19 32.70
N GLY G 237 -30.48 -12.11 33.12
CA GLY G 237 -31.08 -11.16 34.01
C GLY G 237 -32.10 -10.29 33.33
N PRO G 238 -32.53 -9.23 34.01
CA PRO G 238 -33.52 -8.33 33.41
C PRO G 238 -32.89 -7.41 32.38
N ALA G 239 -32.69 -7.94 31.18
CA ALA G 239 -32.07 -7.18 30.10
C ALA G 239 -33.11 -6.29 29.44
N LYS G 240 -32.91 -4.98 29.52
CA LYS G 240 -33.83 -4.04 28.89
C LYS G 240 -33.91 -4.30 27.39
N LEU G 241 -35.13 -4.41 26.87
CA LEU G 241 -35.30 -4.65 25.45
C LEU G 241 -34.80 -3.46 24.65
N LEU G 242 -34.24 -3.76 23.47
CA LEU G 242 -33.71 -2.71 22.61
C LEU G 242 -34.37 -2.71 21.24
N TRP G 243 -34.50 -3.87 20.61
CA TRP G 243 -35.13 -3.96 19.29
C TRP G 243 -35.54 -5.40 19.05
N LYS G 244 -36.51 -5.58 18.16
CA LYS G 244 -36.98 -6.91 17.81
C LYS G 244 -37.47 -6.92 16.37
N GLY G 245 -37.39 -8.09 15.75
CA GLY G 245 -37.88 -8.27 14.40
C GLY G 245 -36.96 -9.14 13.58
N GLU G 246 -37.48 -9.58 12.42
CA GLU G 246 -36.71 -10.43 11.50
C GLU G 246 -36.16 -11.66 12.21
N GLY G 247 -36.91 -12.19 13.16
CA GLY G 247 -36.47 -13.36 13.88
C GLY G 247 -35.29 -13.15 14.79
N ALA G 248 -35.06 -11.92 15.25
CA ALA G 248 -33.96 -11.64 16.16
C ALA G 248 -34.37 -10.56 17.14
N VAL G 249 -33.81 -10.61 18.33
CA VAL G 249 -34.04 -9.62 19.38
C VAL G 249 -32.68 -9.08 19.83
N VAL G 250 -32.53 -7.77 19.77
CA VAL G 250 -31.35 -7.10 20.29
C VAL G 250 -31.69 -6.55 21.66
N ILE G 251 -30.86 -6.88 22.65
CA ILE G 251 -31.10 -6.52 24.05
C ILE G 251 -29.81 -5.97 24.63
N GLN G 252 -29.93 -5.40 25.83
CA GLN G 252 -28.81 -4.77 26.53
C GLN G 252 -28.82 -5.26 27.97
N ASP G 253 -28.04 -6.29 28.26
CA ASP G 253 -27.95 -6.86 29.60
C ASP G 253 -26.68 -6.37 30.26
N ASN G 254 -26.83 -5.71 31.41
CA ASN G 254 -25.70 -5.15 32.15
C ASN G 254 -24.87 -4.24 31.26
N SER G 255 -25.54 -3.47 30.41
CA SER G 255 -24.88 -2.55 29.47
C SER G 255 -23.95 -3.31 28.53
N ASP G 256 -24.37 -4.49 28.09
CA ASP G 256 -23.65 -5.28 27.09
C ASP G 256 -24.63 -5.64 25.98
N ILE G 257 -24.65 -4.83 24.92
CA ILE G 257 -25.59 -5.05 23.83
C ILE G 257 -25.28 -6.37 23.15
N LYS G 258 -26.32 -7.15 22.87
CA LYS G 258 -26.17 -8.45 22.25
C LYS G 258 -27.40 -8.74 21.39
N VAL G 259 -27.23 -9.68 20.47
CA VAL G 259 -28.29 -10.10 19.56
C VAL G 259 -28.54 -11.58 19.78
N VAL G 260 -29.80 -11.94 20.01
CA VAL G 260 -30.18 -13.32 20.29
C VAL G 260 -31.28 -13.71 19.31
N PRO G 261 -31.44 -15.01 19.00
CA PRO G 261 -32.56 -15.41 18.15
C PRO G 261 -33.88 -15.19 18.84
N ARG G 262 -34.92 -14.97 18.03
CA ARG G 262 -36.25 -14.76 18.60
C ARG G 262 -36.63 -15.88 19.54
N ARG G 263 -36.22 -17.11 19.21
CA ARG G 263 -36.43 -18.24 20.10
C ARG G 263 -35.51 -18.12 21.30
N LYS G 264 -35.86 -18.86 22.36
CA LYS G 264 -35.12 -18.80 23.62
C LYS G 264 -35.00 -17.35 24.10
N ALA G 265 -36.09 -16.61 23.92
CA ALA G 265 -36.18 -15.23 24.36
C ALA G 265 -37.64 -14.91 24.63
N LYS G 266 -37.94 -14.42 25.83
CA LYS G 266 -39.29 -14.10 26.23
C LYS G 266 -39.36 -12.66 26.74
N ILE G 267 -40.41 -11.96 26.35
CA ILE G 267 -40.56 -10.53 26.61
C ILE G 267 -41.82 -10.31 27.42
N ILE G 268 -41.69 -9.62 28.55
CA ILE G 268 -42.83 -9.35 29.42
C ILE G 268 -43.09 -7.84 29.42
N ASP H 3 -50.21 3.67 -5.86
CA ASP H 3 -51.28 2.89 -5.24
C ASP H 3 -52.03 3.72 -4.21
N GLY H 4 -51.30 4.48 -3.40
CA GLY H 4 -51.90 5.32 -2.38
C GLY H 4 -52.08 6.75 -2.85
N ILE H 5 -52.04 6.98 -4.16
CA ILE H 5 -52.07 8.33 -4.68
C ILE H 5 -53.44 8.97 -4.47
N ASP H 6 -54.51 8.20 -4.66
CA ASP H 6 -55.85 8.78 -4.55
C ASP H 6 -56.14 9.27 -3.15
N LYS H 7 -55.74 8.51 -2.12
CA LYS H 7 -55.95 8.97 -0.76
C LYS H 7 -55.21 10.28 -0.51
N ALA H 8 -53.97 10.38 -1.00
CA ALA H 8 -53.20 11.61 -0.82
C ALA H 8 -53.86 12.77 -1.53
N GLN H 9 -54.37 12.54 -2.74
CA GLN H 9 -55.03 13.61 -3.48
C GLN H 9 -56.28 14.09 -2.73
N GLU H 10 -57.07 13.16 -2.20
CA GLU H 10 -58.25 13.56 -1.44
C GLU H 10 -57.85 14.32 -0.18
N GLU H 11 -56.79 13.87 0.49
CA GLU H 11 -56.33 14.59 1.68
C GLU H 11 -55.91 16.01 1.34
N HIS H 12 -55.20 16.18 0.22
CA HIS H 12 -54.83 17.54 -0.19
C HIS H 12 -56.06 18.37 -0.52
N GLU H 13 -57.05 17.75 -1.17
CA GLU H 13 -58.26 18.50 -1.50
C GLU H 13 -58.96 19.00 -0.24
N LYS H 14 -59.05 18.15 0.79
CA LYS H 14 -59.76 18.54 2.01
C LYS H 14 -58.95 19.53 2.85
N TYR H 15 -57.63 19.31 2.96
CA TYR H 15 -56.81 20.06 3.90
C TYR H 15 -55.72 20.92 3.27
N HIS H 16 -55.36 20.68 2.00
CA HIS H 16 -54.33 21.47 1.33
C HIS H 16 -52.98 21.33 2.02
N SER H 17 -52.65 20.10 2.42
CA SER H 17 -51.40 19.85 3.11
C SER H 17 -50.21 19.97 2.16
N ASN H 18 -49.02 20.10 2.74
CA ASN H 18 -47.80 20.23 1.97
C ASN H 18 -47.31 18.86 1.50
N TRP H 19 -46.26 18.87 0.67
CA TRP H 19 -45.81 17.62 0.06
C TRP H 19 -45.01 16.76 1.03
N ARG H 20 -44.32 17.36 2.00
CA ARG H 20 -43.61 16.55 2.98
C ARG H 20 -44.59 15.70 3.78
N ALA H 21 -45.68 16.31 4.24
CA ALA H 21 -46.66 15.57 5.03
C ALA H 21 -47.28 14.44 4.23
N MET H 22 -47.68 14.72 2.99
CA MET H 22 -48.30 13.69 2.19
C MET H 22 -47.34 12.55 1.88
N ALA H 23 -46.09 12.89 1.53
CA ALA H 23 -45.11 11.85 1.24
C ALA H 23 -44.86 10.97 2.46
N SER H 24 -44.75 11.59 3.64
CA SER H 24 -44.53 10.80 4.85
C SER H 24 -45.74 9.92 5.17
N ASP H 25 -46.95 10.47 5.03
CA ASP H 25 -48.14 9.75 5.47
C ASP H 25 -48.50 8.62 4.51
N PHE H 26 -48.44 8.88 3.20
CA PHE H 26 -48.94 7.94 2.20
C PHE H 26 -47.82 7.23 1.45
N ASN H 27 -46.57 7.35 1.92
CA ASN H 27 -45.45 6.59 1.39
C ASN H 27 -45.31 6.77 -0.13
N LEU H 28 -45.51 8.00 -0.58
CA LEU H 28 -45.30 8.31 -1.99
C LEU H 28 -43.90 8.87 -2.20
N PRO H 29 -43.29 8.66 -3.38
CA PRO H 29 -42.06 9.36 -3.69
C PRO H 29 -42.31 10.86 -3.70
N PRO H 30 -41.34 11.67 -3.23
CA PRO H 30 -41.60 13.10 -3.09
C PRO H 30 -42.04 13.79 -4.37
N VAL H 31 -41.59 13.29 -5.52
CA VAL H 31 -41.97 13.93 -6.78
C VAL H 31 -43.47 13.86 -6.99
N VAL H 32 -44.07 12.71 -6.67
CA VAL H 32 -45.51 12.55 -6.82
C VAL H 32 -46.25 13.52 -5.91
N ALA H 33 -45.81 13.66 -4.67
CA ALA H 33 -46.47 14.59 -3.75
C ALA H 33 -46.33 16.03 -4.23
N LYS H 34 -45.14 16.39 -4.70
CA LYS H 34 -44.93 17.74 -5.21
C LYS H 34 -45.85 18.03 -6.39
N GLU H 35 -45.98 17.06 -7.30
CA GLU H 35 -46.89 17.23 -8.43
C GLU H 35 -48.33 17.33 -7.97
N ILE H 36 -48.72 16.54 -6.97
CA ILE H 36 -50.07 16.63 -6.45
C ILE H 36 -50.35 18.03 -5.92
N VAL H 37 -49.41 18.58 -5.16
CA VAL H 37 -49.58 19.94 -4.64
C VAL H 37 -49.68 20.94 -5.78
N ALA H 38 -48.81 20.81 -6.79
CA ALA H 38 -48.80 21.75 -7.90
C ALA H 38 -49.98 21.56 -8.85
N SER H 39 -50.73 20.47 -8.72
CA SER H 39 -51.84 20.22 -9.62
C SER H 39 -53.06 21.08 -9.31
N CYS H 40 -53.15 21.57 -8.07
CA CYS H 40 -54.26 22.42 -7.66
C CYS H 40 -53.86 23.89 -7.78
N ASP H 41 -54.80 24.76 -8.10
CA ASP H 41 -54.50 26.17 -8.27
C ASP H 41 -54.44 26.93 -6.94
N LYS H 42 -55.21 26.51 -5.94
CA LYS H 42 -55.30 27.28 -4.71
C LYS H 42 -53.99 27.33 -3.95
N CYS H 43 -53.03 26.45 -4.27
CA CYS H 43 -51.75 26.39 -3.57
C CYS H 43 -50.64 27.12 -4.32
N GLN H 44 -50.96 28.24 -4.96
CA GLN H 44 -49.96 29.03 -5.66
C GLN H 44 -50.15 30.52 -5.36
N SER H 57 -34.55 32.17 1.42
CA SER H 57 -34.83 32.27 2.85
C SER H 57 -33.84 31.48 3.70
N PRO H 58 -33.44 30.28 3.25
CA PRO H 58 -32.38 29.56 3.98
C PRO H 58 -30.98 30.05 3.69
N GLY H 59 -30.76 30.76 2.58
CA GLY H 59 -29.44 31.23 2.23
C GLY H 59 -29.32 32.74 2.26
N ILE H 60 -30.10 33.38 3.13
CA ILE H 60 -30.14 34.83 3.25
C ILE H 60 -29.51 35.22 4.58
N TRP H 61 -28.53 36.12 4.53
CA TRP H 61 -27.81 36.59 5.71
C TRP H 61 -27.89 38.10 5.77
N GLN H 62 -27.78 38.64 6.99
CA GLN H 62 -27.81 40.08 7.23
C GLN H 62 -26.51 40.48 7.89
N LEU H 63 -25.82 41.45 7.29
CA LEU H 63 -24.53 41.91 7.77
C LEU H 63 -24.66 43.31 8.37
N ASP H 64 -23.94 43.54 9.47
CA ASP H 64 -23.90 44.84 10.10
C ASP H 64 -22.57 45.00 10.82
N CYS H 65 -22.24 46.23 11.17
CA CYS H 65 -21.02 46.55 11.88
C CYS H 65 -21.38 47.39 13.10
N THR H 66 -21.25 46.82 14.28
CA THR H 66 -21.46 47.54 15.53
C THR H 66 -20.14 47.99 16.11
N HIS H 67 -20.22 48.80 17.15
CA HIS H 67 -19.04 49.32 17.83
C HIS H 67 -19.16 49.05 19.32
N LEU H 68 -18.05 48.67 19.93
CA LEU H 68 -18.02 48.34 21.35
C LEU H 68 -16.62 48.54 21.87
N GLU H 69 -16.47 49.33 22.93
CA GLU H 69 -15.17 49.68 23.48
C GLU H 69 -14.26 50.24 22.41
N GLY H 70 -14.82 51.07 21.52
CA GLY H 70 -14.04 51.65 20.44
C GLY H 70 -13.44 50.61 19.51
N LYS H 71 -14.14 49.50 19.30
CA LYS H 71 -13.71 48.46 18.37
C LYS H 71 -14.88 48.06 17.48
N VAL H 72 -14.54 47.67 16.26
CA VAL H 72 -15.54 47.34 15.24
C VAL H 72 -15.82 45.85 15.29
N ILE H 73 -17.08 45.49 15.52
CA ILE H 73 -17.53 44.10 15.55
C ILE H 73 -18.46 43.92 14.37
N LEU H 74 -18.04 43.10 13.41
CA LEU H 74 -18.86 42.76 12.25
C LEU H 74 -19.70 41.54 12.58
N VAL H 75 -21.01 41.65 12.39
CA VAL H 75 -21.97 40.62 12.79
C VAL H 75 -22.75 40.19 11.57
N ALA H 76 -22.88 38.87 11.39
CA ALA H 76 -23.71 38.27 10.36
C ALA H 76 -24.78 37.42 11.04
N VAL H 77 -26.03 37.61 10.64
CA VAL H 77 -27.17 36.93 11.24
C VAL H 77 -27.89 36.14 10.16
N HIS H 78 -28.14 34.87 10.43
CA HIS H 78 -28.99 34.04 9.58
C HIS H 78 -30.43 34.32 10.00
N VAL H 79 -31.11 35.19 9.25
CA VAL H 79 -32.40 35.70 9.69
C VAL H 79 -33.38 34.56 9.90
N ALA H 80 -33.30 33.52 9.07
CA ALA H 80 -34.23 32.41 9.18
C ALA H 80 -34.07 31.64 10.49
N SER H 81 -32.93 31.75 11.15
CA SER H 81 -32.66 30.94 12.35
C SER H 81 -32.12 31.72 13.53
N GLY H 82 -31.54 32.91 13.33
CA GLY H 82 -30.92 33.63 14.42
C GLY H 82 -29.49 33.22 14.71
N TYR H 83 -28.92 32.35 13.89
CA TYR H 83 -27.54 31.96 14.05
C TYR H 83 -26.62 33.14 13.76
N ILE H 84 -25.66 33.37 14.65
CA ILE H 84 -24.83 34.57 14.63
C ILE H 84 -23.39 34.19 14.33
N GLU H 85 -22.70 35.04 13.58
CA GLU H 85 -21.25 34.95 13.40
C GLU H 85 -20.68 36.35 13.55
N ALA H 86 -19.92 36.60 14.62
CA ALA H 86 -19.38 37.90 14.90
C ALA H 86 -17.86 37.84 14.95
N GLU H 87 -17.23 38.92 14.53
CA GLU H 87 -15.76 39.00 14.51
C GLU H 87 -15.34 40.44 14.74
N VAL H 88 -14.38 40.64 15.62
CA VAL H 88 -13.78 41.96 15.80
C VAL H 88 -12.78 42.18 14.67
N ILE H 89 -13.01 43.20 13.86
CA ILE H 89 -12.13 43.48 12.73
C ILE H 89 -11.29 44.71 13.04
N PRO H 90 -10.13 44.88 12.41
CA PRO H 90 -9.31 46.06 12.72
C PRO H 90 -10.02 47.38 12.44
N ALA H 91 -10.66 47.50 11.27
CA ALA H 91 -11.33 48.75 10.92
C ALA H 91 -12.41 48.44 9.88
N GLU H 92 -13.35 49.38 9.76
CA GLU H 92 -14.44 49.27 8.79
C GLU H 92 -13.86 49.54 7.41
N THR H 93 -13.20 48.53 6.86
CA THR H 93 -12.57 48.63 5.55
C THR H 93 -13.23 47.62 4.61
N GLY H 94 -13.20 47.95 3.32
CA GLY H 94 -13.77 47.04 2.34
C GLY H 94 -13.06 45.70 2.30
N GLN H 95 -11.73 45.72 2.43
CA GLN H 95 -10.97 44.48 2.37
C GLN H 95 -11.31 43.56 3.53
N GLU H 96 -11.42 44.11 4.74
CA GLU H 96 -11.78 43.28 5.89
C GLU H 96 -13.16 42.70 5.74
N THR H 97 -14.12 43.50 5.26
CA THR H 97 -15.47 43.00 5.04
C THR H 97 -15.49 41.91 3.98
N ALA H 98 -14.71 42.09 2.91
CA ALA H 98 -14.66 41.06 1.87
C ALA H 98 -14.05 39.77 2.40
N TYR H 99 -13.01 39.87 3.22
CA TYR H 99 -12.40 38.67 3.81
C TYR H 99 -13.38 37.97 4.73
N PHE H 100 -14.11 38.73 5.55
CA PHE H 100 -15.13 38.15 6.41
C PHE H 100 -16.22 37.47 5.59
N LEU H 101 -16.63 38.11 4.50
CA LEU H 101 -17.67 37.52 3.66
C LEU H 101 -17.19 36.24 3.01
N LEU H 102 -15.94 36.20 2.55
CA LEU H 102 -15.41 34.99 1.96
C LEU H 102 -15.32 33.86 2.98
N LYS H 103 -14.89 34.19 4.20
CA LYS H 103 -14.89 33.19 5.27
C LYS H 103 -16.29 32.66 5.51
N LEU H 104 -17.27 33.56 5.60
CA LEU H 104 -18.65 33.14 5.85
C LEU H 104 -19.17 32.27 4.72
N ALA H 105 -18.90 32.64 3.48
CA ALA H 105 -19.38 31.88 2.34
C ALA H 105 -18.73 30.51 2.27
N GLY H 106 -17.48 30.39 2.71
CA GLY H 106 -16.83 29.09 2.71
C GLY H 106 -17.32 28.17 3.81
N ARG H 107 -18.03 28.69 4.80
CA ARG H 107 -18.50 27.91 5.93
C ARG H 107 -19.97 27.53 5.83
N TRP H 108 -20.82 28.43 5.35
CA TRP H 108 -22.24 28.20 5.20
C TRP H 108 -22.67 28.56 3.80
N PRO H 109 -23.77 27.98 3.31
CA PRO H 109 -24.23 28.29 1.96
C PRO H 109 -24.91 29.64 1.85
N VAL H 110 -24.13 30.70 1.68
CA VAL H 110 -24.65 32.05 1.59
C VAL H 110 -25.02 32.34 0.14
N LYS H 111 -26.26 32.76 -0.08
CA LYS H 111 -26.74 33.14 -1.41
C LYS H 111 -27.06 34.62 -1.53
N THR H 112 -27.53 35.25 -0.45
CA THR H 112 -27.87 36.66 -0.47
C THR H 112 -27.39 37.30 0.83
N VAL H 113 -27.00 38.57 0.75
CA VAL H 113 -26.58 39.33 1.92
C VAL H 113 -27.24 40.70 1.88
N HIS H 114 -27.80 41.12 3.00
CA HIS H 114 -28.40 42.44 3.15
C HIS H 114 -27.46 43.33 3.96
N THR H 115 -27.21 44.53 3.44
CA THR H 115 -26.26 45.45 4.04
C THR H 115 -26.89 46.83 4.17
N ASP H 116 -26.31 47.65 5.03
CA ASP H 116 -26.87 48.95 5.37
C ASP H 116 -26.28 50.10 4.55
N ASN H 117 -25.86 49.84 3.31
CA ASN H 117 -25.36 50.87 2.41
C ASN H 117 -24.09 51.55 2.94
N GLY H 118 -23.45 50.95 3.94
CA GLY H 118 -22.22 51.52 4.45
C GLY H 118 -21.10 51.50 3.41
N SER H 119 -20.12 52.38 3.62
CA SER H 119 -19.05 52.53 2.64
C SER H 119 -18.28 51.22 2.46
N ASN H 120 -18.00 50.52 3.55
CA ASN H 120 -17.29 49.25 3.44
C ASN H 120 -18.11 48.21 2.69
N PHE H 121 -19.42 48.18 2.93
CA PHE H 121 -20.26 47.17 2.31
C PHE H 121 -20.47 47.41 0.81
N THR H 122 -20.19 48.63 0.34
CA THR H 122 -20.38 48.97 -1.06
C THR H 122 -19.07 49.10 -1.82
N SER H 123 -17.96 48.66 -1.23
CA SER H 123 -16.66 48.76 -1.88
C SER H 123 -16.57 47.78 -3.06
N THR H 124 -15.67 48.09 -3.99
CA THR H 124 -15.47 47.21 -5.13
C THR H 124 -14.86 45.89 -4.70
N THR H 125 -14.07 45.89 -3.62
CA THR H 125 -13.52 44.63 -3.12
C THR H 125 -14.62 43.69 -2.64
N VAL H 126 -15.61 44.23 -1.92
CA VAL H 126 -16.72 43.39 -1.47
C VAL H 126 -17.55 42.92 -2.65
N LYS H 127 -17.72 43.78 -3.66
CA LYS H 127 -18.43 43.36 -4.85
C LYS H 127 -17.71 42.21 -5.55
N ALA H 128 -16.39 42.31 -5.65
CA ALA H 128 -15.61 41.22 -6.26
C ALA H 128 -15.70 39.95 -5.44
N ALA H 129 -15.63 40.06 -4.12
CA ALA H 129 -15.74 38.88 -3.27
C ALA H 129 -17.09 38.20 -3.44
N CYS H 130 -18.17 38.99 -3.46
CA CYS H 130 -19.50 38.43 -3.64
C CYS H 130 -19.65 37.81 -5.03
N TRP H 131 -19.09 38.45 -6.06
CA TRP H 131 -19.14 37.88 -7.39
C TRP H 131 -18.43 36.54 -7.44
N TRP H 132 -17.26 36.45 -6.81
CA TRP H 132 -16.54 35.19 -6.81
C TRP H 132 -17.30 34.12 -6.04
N ALA H 133 -17.89 34.48 -4.91
CA ALA H 133 -18.60 33.51 -4.08
C ALA H 133 -20.03 33.26 -4.56
N GLY H 134 -20.46 33.93 -5.63
CA GLY H 134 -21.81 33.77 -6.13
C GLY H 134 -22.88 34.26 -5.17
N ILE H 135 -22.65 35.42 -4.56
CA ILE H 135 -23.58 36.01 -3.60
C ILE H 135 -24.22 37.24 -4.22
N LYS H 136 -25.52 37.37 -4.03
CA LYS H 136 -26.27 38.55 -4.47
C LYS H 136 -26.39 39.52 -3.31
N GLN H 137 -26.11 40.80 -3.57
CA GLN H 137 -26.14 41.82 -2.54
C GLN H 137 -27.40 42.65 -2.67
N GLU H 138 -28.05 42.92 -1.54
CA GLU H 138 -29.18 43.83 -1.47
C GLU H 138 -28.91 44.90 -0.45
N PHE H 139 -29.19 46.15 -0.79
CA PHE H 139 -28.97 47.27 0.09
C PHE H 139 -30.29 47.87 0.58
N GLY H 149 -35.88 44.28 11.53
CA GLY H 149 -35.11 44.68 12.70
C GLY H 149 -34.47 43.50 13.41
N VAL H 150 -34.32 42.38 12.71
CA VAL H 150 -33.67 41.21 13.29
C VAL H 150 -32.23 41.54 13.67
N ILE H 151 -31.52 42.25 12.79
CA ILE H 151 -30.11 42.51 13.01
C ILE H 151 -29.90 43.37 14.25
N GLU H 152 -30.72 44.40 14.44
CA GLU H 152 -30.53 45.29 15.57
C GLU H 152 -30.82 44.58 16.89
N SER H 153 -31.91 43.81 16.94
CA SER H 153 -32.21 43.05 18.15
C SER H 153 -31.11 42.04 18.45
N MET H 154 -30.60 41.37 17.42
CA MET H 154 -29.51 40.42 17.63
C MET H 154 -28.26 41.12 18.11
N ASN H 155 -27.98 42.32 17.60
CA ASN H 155 -26.83 43.08 18.08
C ASN H 155 -27.00 43.43 19.55
N LYS H 156 -28.20 43.83 19.95
CA LYS H 156 -28.43 44.14 21.36
C LYS H 156 -28.23 42.90 22.23
N GLU H 157 -28.75 41.74 21.78
CA GLU H 157 -28.56 40.51 22.55
C GLU H 157 -27.08 40.14 22.64
N LEU H 158 -26.35 40.27 21.52
CA LEU H 158 -24.93 39.96 21.52
C LEU H 158 -24.17 40.88 22.46
N LYS H 159 -24.52 42.16 22.47
CA LYS H 159 -23.86 43.10 23.38
C LYS H 159 -24.16 42.76 24.84
N LYS H 160 -25.39 42.34 25.13
CA LYS H 160 -25.71 41.91 26.48
C LYS H 160 -24.88 40.71 26.89
N ILE H 161 -24.74 39.72 26.01
CA ILE H 161 -23.96 38.54 26.34
C ILE H 161 -22.48 38.90 26.51
N ILE H 162 -21.99 39.79 25.65
CA ILE H 162 -20.60 40.24 25.76
C ILE H 162 -20.38 40.91 27.11
N GLY H 163 -21.33 41.76 27.52
CA GLY H 163 -21.21 42.36 28.84
C GLY H 163 -21.21 41.33 29.95
N GLN H 164 -22.05 40.30 29.82
CA GLN H 164 -22.09 39.26 30.83
C GLN H 164 -20.75 38.53 30.94
N VAL H 165 -20.12 38.21 29.81
CA VAL H 165 -18.92 37.37 29.81
C VAL H 165 -17.63 38.18 29.82
N ARG H 166 -17.70 39.51 29.75
CA ARG H 166 -16.47 40.30 29.67
C ARG H 166 -15.56 40.11 30.87
N ASP H 167 -16.11 39.70 32.01
CA ASP H 167 -15.27 39.44 33.18
C ASP H 167 -14.39 38.22 32.99
N GLN H 168 -14.69 37.37 32.01
CA GLN H 168 -13.99 36.12 31.81
C GLN H 168 -12.95 36.17 30.69
N ALA H 169 -12.77 37.31 30.05
CA ALA H 169 -11.85 37.43 28.93
C ALA H 169 -11.03 38.68 29.08
N GLU H 170 -9.71 38.55 28.89
CA GLU H 170 -8.83 39.71 28.96
C GLU H 170 -9.06 40.65 27.78
N HIS H 171 -9.30 40.11 26.59
CA HIS H 171 -9.47 40.88 25.38
C HIS H 171 -10.92 40.86 24.94
N LEU H 172 -11.26 41.76 24.02
CA LEU H 172 -12.62 41.87 23.54
C LEU H 172 -12.95 40.84 22.47
N LYS H 173 -11.97 40.44 21.67
CA LYS H 173 -12.23 39.42 20.64
C LYS H 173 -12.62 38.09 21.28
N THR H 174 -11.90 37.70 22.34
CA THR H 174 -12.24 36.46 23.04
C THR H 174 -13.62 36.55 23.66
N ALA H 175 -13.96 37.70 24.24
CA ALA H 175 -15.30 37.88 24.80
C ALA H 175 -16.37 37.79 23.71
N VAL H 176 -16.09 38.36 22.54
CA VAL H 176 -17.05 38.31 21.45
C VAL H 176 -17.27 36.88 20.99
N GLN H 177 -16.19 36.11 20.87
CA GLN H 177 -16.34 34.72 20.45
C GLN H 177 -17.08 33.90 21.51
N MET H 178 -16.80 34.16 22.78
CA MET H 178 -17.54 33.48 23.84
C MET H 178 -19.03 33.83 23.79
N ALA H 179 -19.34 35.10 23.52
CA ALA H 179 -20.73 35.50 23.39
C ALA H 179 -21.40 34.81 22.21
N VAL H 180 -20.70 34.70 21.09
CA VAL H 180 -21.25 34.01 19.93
C VAL H 180 -21.53 32.55 20.28
N PHE H 181 -20.58 31.90 20.96
CA PHE H 181 -20.77 30.51 21.35
C PHE H 181 -21.99 30.36 22.26
N ILE H 182 -22.10 31.22 23.27
CA ILE H 182 -23.21 31.14 24.21
C ILE H 182 -24.53 31.35 23.49
N HIS H 183 -24.60 32.36 22.61
CA HIS H 183 -25.83 32.64 21.90
C HIS H 183 -26.21 31.49 20.98
N ASN H 184 -25.23 30.90 20.29
CA ASN H 184 -25.54 29.90 19.29
C ASN H 184 -25.93 28.57 19.90
N PHE H 185 -25.32 28.18 21.03
CA PHE H 185 -25.49 26.83 21.54
C PHE H 185 -25.99 26.74 22.97
N LYS H 186 -25.74 27.74 23.81
CA LYS H 186 -26.13 27.68 25.21
C LYS H 186 -27.37 28.51 25.51
N ARG H 187 -28.06 29.00 24.48
CA ARG H 187 -29.33 29.68 24.63
C ARG H 187 -30.39 28.91 23.85
N LYS H 188 -31.53 28.65 24.50
CA LYS H 188 -32.61 27.91 23.89
C LYS H 188 -33.91 28.66 24.09
N GLY H 189 -34.84 28.48 23.15
CA GLY H 189 -36.10 29.18 23.21
C GLY H 189 -36.93 28.86 21.99
N GLY H 190 -37.96 29.67 21.78
CA GLY H 190 -38.84 29.49 20.66
C GLY H 190 -39.91 28.45 20.92
N ILE H 191 -40.60 28.08 19.84
CA ILE H 191 -41.70 27.14 19.94
C ILE H 191 -41.21 25.78 20.43
N GLY H 192 -40.11 25.30 19.86
CA GLY H 192 -39.58 24.00 20.18
C GLY H 192 -38.46 23.98 21.20
N GLY H 193 -38.09 25.13 21.76
CA GLY H 193 -36.99 25.16 22.71
C GLY H 193 -35.67 24.71 22.12
N TYR H 194 -35.34 25.18 20.93
CA TYR H 194 -34.11 24.83 20.24
C TYR H 194 -33.12 25.98 20.29
N SER H 195 -31.86 25.65 20.00
CA SER H 195 -30.81 26.64 19.92
C SER H 195 -30.64 27.09 18.46
N ALA H 196 -29.92 28.19 18.29
CA ALA H 196 -29.72 28.72 16.94
C ALA H 196 -28.96 27.74 16.06
N GLY H 197 -28.00 27.01 16.63
CA GLY H 197 -27.25 26.04 15.85
C GLY H 197 -28.13 24.93 15.33
N GLU H 198 -28.97 24.37 16.18
CA GLU H 198 -29.90 23.33 15.74
C GLU H 198 -30.85 23.86 14.68
N ARG H 199 -31.36 25.07 14.88
CA ARG H 199 -32.31 25.64 13.92
C ARG H 199 -31.65 25.85 12.56
N ILE H 200 -30.43 26.39 12.53
CA ILE H 200 -29.78 26.63 11.24
C ILE H 200 -29.43 25.30 10.58
N VAL H 201 -29.01 24.30 11.35
CA VAL H 201 -28.71 23.00 10.75
C VAL H 201 -29.96 22.41 10.13
N ASP H 202 -31.09 22.50 10.85
CA ASP H 202 -32.35 21.99 10.31
C ASP H 202 -32.77 22.75 9.06
N ILE H 203 -32.63 24.07 9.07
CA ILE H 203 -33.05 24.87 7.91
C ILE H 203 -32.20 24.54 6.70
N ILE H 204 -30.88 24.42 6.89
CA ILE H 204 -30.01 24.10 5.76
C ILE H 204 -30.27 22.68 5.27
N ALA H 205 -30.58 21.75 6.17
CA ALA H 205 -30.93 20.41 5.75
C ALA H 205 -32.20 20.40 4.91
N THR H 206 -33.21 21.17 5.33
CA THR H 206 -34.42 21.29 4.53
C THR H 206 -34.13 21.91 3.17
N ASP H 207 -33.25 22.90 3.14
CA ASP H 207 -32.86 23.50 1.86
C ASP H 207 -32.19 22.48 0.95
N ILE H 208 -31.32 21.64 1.51
CA ILE H 208 -30.67 20.61 0.71
C ILE H 208 -31.70 19.63 0.17
N GLN H 209 -32.67 19.24 1.00
CA GLN H 209 -33.74 18.36 0.53
C GLN H 209 -34.50 19.01 -0.62
N THR H 210 -34.83 20.30 -0.48
CA THR H 210 -35.57 20.99 -1.53
C THR H 210 -34.76 21.04 -2.83
N LYS H 211 -33.45 21.30 -2.73
CA LYS H 211 -32.65 21.38 -3.95
C LYS H 211 -32.49 20.01 -4.60
N GLU H 212 -32.36 18.95 -3.81
CA GLU H 212 -32.32 17.61 -4.40
C GLU H 212 -33.63 17.30 -5.10
N LEU H 213 -34.76 17.67 -4.49
CA LEU H 213 -36.05 17.44 -5.14
C LEU H 213 -36.17 18.24 -6.43
N GLN H 214 -35.70 19.48 -6.43
CA GLN H 214 -35.74 20.28 -7.64
C GLN H 214 -34.86 19.68 -8.72
N LYS H 215 -33.70 19.16 -8.34
CA LYS H 215 -32.84 18.48 -9.32
C LYS H 215 -33.55 17.27 -9.91
N GLN H 216 -34.25 16.49 -9.07
CA GLN H 216 -34.99 15.34 -9.59
C GLN H 216 -36.07 15.77 -10.56
N ILE H 217 -36.82 16.82 -10.21
CA ILE H 217 -37.88 17.30 -11.08
C ILE H 217 -37.30 17.79 -12.41
N THR H 218 -36.19 18.51 -12.35
CA THR H 218 -35.53 18.96 -13.58
C THR H 218 -35.07 17.78 -14.42
N LYS H 219 -34.57 16.73 -13.76
CA LYS H 219 -34.09 15.57 -14.49
C LYS H 219 -35.23 14.89 -15.23
N ILE H 220 -36.39 14.74 -14.58
CA ILE H 220 -37.50 14.00 -15.19
C ILE H 220 -38.38 14.86 -16.08
N GLN H 221 -38.27 16.19 -16.02
CA GLN H 221 -39.18 17.03 -16.78
C GLN H 221 -38.95 16.96 -18.28
N ASN H 222 -37.87 16.34 -18.74
CA ASN H 222 -37.55 16.24 -20.15
C ASN H 222 -37.75 14.82 -20.67
N PHE H 223 -38.78 14.14 -20.18
CA PHE H 223 -39.20 12.87 -20.72
C PHE H 223 -40.66 12.95 -21.15
N ARG H 224 -41.00 12.19 -22.18
CA ARG H 224 -42.38 12.03 -22.61
C ARG H 224 -42.68 10.54 -22.68
N VAL H 225 -43.79 10.14 -22.08
CA VAL H 225 -44.13 8.74 -21.87
C VAL H 225 -45.46 8.46 -22.55
N TYR H 226 -45.51 7.38 -23.32
CA TYR H 226 -46.73 6.91 -23.97
C TYR H 226 -47.12 5.57 -23.36
N TYR H 227 -48.37 5.48 -22.90
CA TYR H 227 -48.84 4.31 -22.17
C TYR H 227 -50.15 3.80 -22.78
N TRP H 235 -52.33 4.79 -29.15
CA TRP H 235 -51.56 5.04 -27.94
C TRP H 235 -52.08 6.27 -27.20
N LYS H 236 -51.92 6.28 -25.88
CA LYS H 236 -52.28 7.45 -25.10
C LYS H 236 -51.36 8.62 -25.40
N GLY H 237 -51.88 9.83 -25.25
CA GLY H 237 -51.15 11.02 -25.60
C GLY H 237 -49.83 11.13 -24.84
N PRO H 238 -49.05 12.17 -25.15
CA PRO H 238 -47.74 12.31 -24.51
C PRO H 238 -47.86 12.73 -23.06
N ALA H 239 -47.58 11.81 -22.15
CA ALA H 239 -47.73 12.04 -20.72
C ALA H 239 -46.38 12.35 -20.09
N LYS H 240 -46.40 13.27 -19.13
CA LYS H 240 -45.20 13.59 -18.37
C LYS H 240 -44.87 12.45 -17.42
N LEU H 241 -43.57 12.30 -17.13
CA LEU H 241 -43.09 11.25 -16.23
C LEU H 241 -42.90 11.83 -14.83
N LEU H 242 -43.44 11.14 -13.84
CA LEU H 242 -43.30 11.53 -12.44
C LEU H 242 -42.41 10.58 -11.63
N TRP H 243 -42.48 9.27 -11.89
CA TRP H 243 -41.65 8.33 -11.19
C TRP H 243 -41.40 7.07 -12.04
N LYS H 244 -40.15 6.61 -12.11
CA LYS H 244 -39.77 5.39 -12.83
C LYS H 244 -39.30 4.39 -11.79
N GLY H 245 -40.24 3.63 -11.23
CA GLY H 245 -39.94 2.67 -10.20
C GLY H 245 -39.31 1.41 -10.74
N GLU H 246 -39.06 0.46 -9.82
CA GLU H 246 -38.46 -0.81 -10.22
C GLU H 246 -39.37 -1.58 -11.16
N GLY H 247 -40.68 -1.57 -10.88
CA GLY H 247 -41.62 -2.28 -11.73
C GLY H 247 -42.88 -1.48 -12.00
N ALA H 248 -42.77 -0.16 -12.00
CA ALA H 248 -43.92 0.69 -12.26
C ALA H 248 -43.44 2.01 -12.83
N VAL H 249 -44.37 2.71 -13.49
CA VAL H 249 -44.13 4.04 -14.04
C VAL H 249 -45.34 4.89 -13.66
N VAL H 250 -45.12 5.89 -12.81
CA VAL H 250 -46.16 6.80 -12.36
C VAL H 250 -46.07 8.06 -13.19
N ILE H 251 -47.16 8.42 -13.86
CA ILE H 251 -47.21 9.54 -14.79
C ILE H 251 -48.42 10.41 -14.49
N GLN H 252 -48.44 11.59 -15.13
CA GLN H 252 -49.55 12.52 -15.02
C GLN H 252 -50.02 12.88 -16.42
N ASP H 253 -51.34 12.93 -16.60
CA ASP H 253 -51.94 13.33 -17.86
C ASP H 253 -53.19 14.15 -17.57
N ASN H 254 -53.21 15.39 -18.04
CA ASN H 254 -54.35 16.29 -17.88
C ASN H 254 -54.82 16.35 -16.43
N SER H 255 -53.84 16.52 -15.53
CA SER H 255 -54.11 16.68 -14.10
C SER H 255 -54.73 15.41 -13.50
N ASP H 256 -54.43 14.26 -14.07
CA ASP H 256 -54.83 12.97 -13.51
C ASP H 256 -53.58 12.11 -13.39
N ILE H 257 -53.30 11.64 -12.19
CA ILE H 257 -52.11 10.85 -11.91
C ILE H 257 -52.47 9.38 -12.04
N LYS H 258 -51.70 8.65 -12.83
CA LYS H 258 -51.95 7.25 -13.08
C LYS H 258 -50.65 6.46 -12.96
N VAL H 259 -50.80 5.14 -12.86
CA VAL H 259 -49.68 4.22 -12.75
C VAL H 259 -49.82 3.17 -13.85
N VAL H 260 -48.71 2.86 -14.52
CA VAL H 260 -48.71 1.84 -15.56
C VAL H 260 -47.55 0.89 -15.30
N PRO H 261 -47.61 -0.35 -15.78
CA PRO H 261 -46.42 -1.20 -15.75
C PRO H 261 -45.35 -0.70 -16.70
N ARG H 262 -44.11 -1.10 -16.43
CA ARG H 262 -43.01 -0.66 -17.28
C ARG H 262 -43.12 -1.22 -18.69
N ARG H 263 -43.77 -2.37 -18.84
CA ARG H 263 -43.87 -2.99 -20.16
C ARG H 263 -44.81 -2.22 -21.08
N LYS H 264 -45.90 -1.68 -20.53
CA LYS H 264 -46.84 -0.92 -21.34
C LYS H 264 -46.35 0.47 -21.66
N ALA H 265 -45.41 1.01 -20.89
CA ALA H 265 -44.97 2.39 -21.03
C ALA H 265 -43.73 2.47 -21.93
N LYS H 266 -43.69 3.52 -22.75
CA LYS H 266 -42.54 3.81 -23.61
C LYS H 266 -42.10 5.23 -23.31
N ILE H 267 -40.86 5.39 -22.88
CA ILE H 267 -40.30 6.67 -22.44
C ILE H 267 -39.30 7.14 -23.47
N ILE H 268 -39.39 8.42 -23.86
CA ILE H 268 -38.44 9.02 -24.79
C ILE H 268 -38.00 10.37 -24.24
N ARG H 269 -36.87 10.84 -24.76
CA ARG H 269 -36.29 12.10 -24.29
C ARG H 269 -37.05 13.31 -24.81
N GLU I 212 -48.19 5.66 16.27
CA GLU I 212 -47.80 5.64 17.68
C GLU I 212 -46.28 5.42 17.80
N LEU I 213 -45.86 4.19 18.09
CA LEU I 213 -44.44 3.89 18.20
C LEU I 213 -43.87 3.44 16.86
N GLN I 214 -44.70 2.80 16.03
CA GLN I 214 -44.19 2.24 14.79
C GLN I 214 -43.73 3.32 13.82
N LYS I 215 -44.41 4.47 13.80
CA LYS I 215 -43.97 5.53 12.90
C LYS I 215 -42.56 5.99 13.26
N GLN I 216 -42.30 6.15 14.56
CA GLN I 216 -40.97 6.57 15.01
C GLN I 216 -39.93 5.49 14.73
N ILE I 217 -40.28 4.22 14.95
CA ILE I 217 -39.34 3.15 14.65
C ILE I 217 -38.99 3.16 13.17
N THR I 218 -39.99 3.33 12.31
CA THR I 218 -39.73 3.37 10.87
C THR I 218 -38.88 4.57 10.49
N LYS I 219 -39.14 5.73 11.13
CA LYS I 219 -38.33 6.91 10.86
C LYS I 219 -36.87 6.66 11.22
N ILE I 220 -36.65 6.04 12.37
CA ILE I 220 -35.30 5.72 12.82
C ILE I 220 -34.66 4.74 11.85
N GLN I 221 -35.46 3.81 11.34
CA GLN I 221 -34.97 2.81 10.40
C GLN I 221 -34.68 3.39 9.04
N ASN I 222 -35.20 4.58 8.73
CA ASN I 222 -34.94 5.19 7.43
C ASN I 222 -33.48 5.63 7.29
N PHE I 223 -32.82 5.95 8.39
CA PHE I 223 -31.45 6.42 8.34
C PHE I 223 -30.51 5.33 7.84
N ARG I 224 -29.42 5.76 7.22
CA ARG I 224 -28.41 4.88 6.67
C ARG I 224 -27.12 5.00 7.46
N VAL I 225 -26.40 3.88 7.60
CA VAL I 225 -25.20 3.81 8.41
C VAL I 225 -24.07 3.23 7.56
N TYR I 226 -22.96 3.95 7.49
CA TYR I 226 -21.72 3.43 6.95
C TYR I 226 -20.78 3.08 8.10
N TYR I 227 -20.12 1.94 8.01
CA TYR I 227 -19.38 1.42 9.15
C TYR I 227 -18.14 0.69 8.66
N ARG I 228 -17.23 0.45 9.60
CA ARG I 228 -16.02 -0.32 9.34
C ARG I 228 -15.84 -1.37 10.43
N ASP I 229 -15.23 -2.48 10.05
CA ASP I 229 -14.92 -3.54 11.00
C ASP I 229 -13.56 -3.29 11.64
N SER I 230 -13.25 -4.08 12.67
CA SER I 230 -12.11 -3.79 13.53
C SER I 230 -10.77 -3.95 12.82
N ARG I 231 -10.72 -4.52 11.63
CA ARG I 231 -9.45 -4.68 10.92
C ARG I 231 -9.54 -4.22 9.47
N ASP I 232 -10.74 -4.27 8.89
CA ASP I 232 -10.91 -3.87 7.50
C ASP I 232 -10.93 -2.35 7.39
N PRO I 233 -10.08 -1.74 6.56
CA PRO I 233 -10.08 -0.28 6.45
C PRO I 233 -11.09 0.29 5.47
N VAL I 234 -11.77 -0.55 4.70
CA VAL I 234 -12.73 -0.08 3.69
C VAL I 234 -14.10 0.08 4.34
N TRP I 235 -14.77 1.17 4.00
CA TRP I 235 -16.07 1.46 4.59
C TRP I 235 -17.15 0.55 4.01
N LYS I 236 -17.94 -0.05 4.88
CA LYS I 236 -19.02 -0.93 4.45
C LYS I 236 -20.21 -0.11 3.99
N GLY I 237 -20.99 -0.70 3.09
CA GLY I 237 -22.04 0.01 2.39
C GLY I 237 -23.09 0.58 3.31
N PRO I 238 -24.14 1.15 2.71
CA PRO I 238 -25.17 1.84 3.51
C PRO I 238 -26.09 0.88 4.24
N ALA I 239 -25.67 0.44 5.42
CA ALA I 239 -26.51 -0.42 6.25
C ALA I 239 -27.77 0.32 6.68
N LYS I 240 -28.65 -0.38 7.40
CA LYS I 240 -29.91 0.16 7.86
C LYS I 240 -29.86 0.30 9.37
N LEU I 241 -30.08 1.51 9.86
CA LEU I 241 -30.03 1.74 11.31
C LEU I 241 -31.23 1.10 11.98
N LEU I 242 -30.98 0.50 13.15
CA LEU I 242 -32.03 -0.07 13.98
C LEU I 242 -32.08 0.53 15.37
N TRP I 243 -30.93 0.76 15.97
CA TRP I 243 -30.84 1.44 17.25
C TRP I 243 -29.58 2.29 17.27
N LYS I 244 -29.67 3.45 17.90
CA LYS I 244 -28.50 4.30 18.13
C LYS I 244 -28.39 4.55 19.62
N GLY I 245 -27.22 4.23 20.19
CA GLY I 245 -26.96 4.44 21.59
C GLY I 245 -25.82 5.42 21.79
N GLU I 246 -25.47 5.61 23.07
CA GLU I 246 -24.38 6.51 23.41
C GLU I 246 -23.04 5.93 22.95
N GLY I 247 -22.89 4.62 23.01
CA GLY I 247 -21.61 3.99 22.72
C GLY I 247 -21.62 3.06 21.52
N ALA I 248 -22.78 2.50 21.18
CA ALA I 248 -22.87 1.54 20.09
C ALA I 248 -24.12 1.81 19.26
N VAL I 249 -24.07 1.38 18.01
CA VAL I 249 -25.20 1.48 17.09
C VAL I 249 -25.49 0.08 16.57
N VAL I 250 -26.74 -0.35 16.70
CA VAL I 250 -27.18 -1.65 16.21
C VAL I 250 -27.77 -1.43 14.82
N ILE I 251 -27.18 -2.10 13.82
CA ILE I 251 -27.55 -1.91 12.43
C ILE I 251 -27.89 -3.27 11.82
N GLN I 252 -28.51 -3.22 10.64
CA GLN I 252 -28.81 -4.40 9.86
C GLN I 252 -28.20 -4.23 8.47
N ASP I 253 -27.23 -5.09 8.14
CA ASP I 253 -26.56 -5.06 6.84
C ASP I 253 -26.75 -6.41 6.17
N ASN I 254 -27.60 -6.46 5.15
CA ASN I 254 -27.87 -7.68 4.40
C ASN I 254 -28.42 -8.78 5.31
N SER I 255 -29.55 -8.48 5.94
CA SER I 255 -30.24 -9.41 6.83
C SER I 255 -29.37 -9.87 7.99
N ASP I 256 -28.27 -9.16 8.24
CA ASP I 256 -27.37 -9.48 9.34
C ASP I 256 -27.36 -8.31 10.32
N ILE I 257 -27.60 -8.61 11.59
CA ILE I 257 -27.60 -7.60 12.64
C ILE I 257 -26.20 -7.49 13.22
N LYS I 258 -25.69 -6.27 13.35
CA LYS I 258 -24.37 -6.01 13.90
C LYS I 258 -24.46 -4.91 14.94
N VAL I 259 -23.48 -4.88 15.83
CA VAL I 259 -23.38 -3.88 16.89
C VAL I 259 -22.05 -3.15 16.69
N VAL I 260 -22.09 -2.03 15.97
CA VAL I 260 -20.88 -1.29 15.61
C VAL I 260 -20.58 -0.25 16.69
N PRO I 261 -19.33 -0.11 17.14
CA PRO I 261 -19.02 0.97 18.07
C PRO I 261 -19.32 2.33 17.45
N ARG I 262 -19.71 3.28 18.30
CA ARG I 262 -20.12 4.59 17.79
C ARG I 262 -19.00 5.28 17.04
N ARG I 263 -17.74 5.02 17.41
CA ARG I 263 -16.63 5.69 16.75
C ARG I 263 -16.37 5.18 15.35
N LYS I 264 -16.99 4.07 14.95
CA LYS I 264 -16.78 3.48 13.63
C LYS I 264 -18.01 3.62 12.74
N ALA I 265 -18.90 4.57 13.04
CA ALA I 265 -20.16 4.70 12.31
C ALA I 265 -20.35 6.13 11.83
N LYS I 266 -20.85 6.26 10.60
CA LYS I 266 -21.32 7.52 10.04
C LYS I 266 -22.78 7.33 9.69
N ILE I 267 -23.66 8.03 10.40
CA ILE I 267 -25.10 7.91 10.23
C ILE I 267 -25.59 9.13 9.48
N ILE I 268 -26.17 8.92 8.30
CA ILE I 268 -26.70 10.00 7.48
C ILE I 268 -28.03 9.55 6.89
N ARG I 269 -29.01 10.46 6.86
CA ARG I 269 -30.20 10.28 6.05
C ARG I 269 -29.88 10.80 4.66
N ASP I 270 -29.43 9.93 3.78
CA ASP I 270 -29.06 10.37 2.43
C ASP I 270 -30.23 11.09 1.79
N TYR I 271 -30.00 12.33 1.37
CA TYR I 271 -31.03 13.13 0.73
C TYR I 271 -31.20 12.78 -0.73
N GLY I 272 -30.68 11.62 -1.14
CA GLY I 272 -31.17 10.90 -2.28
C GLY I 272 -32.42 10.12 -1.99
N ASN J 222 1.54 -13.00 30.63
CA ASN J 222 2.69 -12.13 30.46
C ASN J 222 3.17 -12.13 29.02
N PHE J 223 3.72 -11.00 28.58
CA PHE J 223 4.21 -10.86 27.22
C PHE J 223 5.52 -10.08 27.23
N ARG J 224 6.25 -10.18 26.12
CA ARG J 224 7.42 -9.37 25.87
C ARG J 224 7.12 -8.47 24.67
N VAL J 225 7.34 -7.17 24.84
CA VAL J 225 7.07 -6.19 23.80
C VAL J 225 8.37 -5.52 23.40
N TYR J 226 8.67 -5.54 22.11
CA TYR J 226 9.79 -4.81 21.54
C TYR J 226 9.26 -3.72 20.62
N TYR J 227 9.70 -2.48 20.84
CA TYR J 227 9.02 -1.33 20.26
C TYR J 227 10.03 -0.30 19.76
N ARG J 228 9.54 0.56 18.87
CA ARG J 228 10.25 1.73 18.39
C ARG J 228 9.35 2.94 18.66
N ASP J 229 9.79 3.84 19.53
CA ASP J 229 8.86 4.79 20.14
C ASP J 229 8.77 6.13 19.41
N SER J 230 9.88 6.86 19.32
CA SER J 230 9.83 8.28 18.91
C SER J 230 10.96 8.57 17.92
N ARG J 231 10.65 8.45 16.63
CA ARG J 231 11.57 8.80 15.56
C ARG J 231 12.99 8.34 15.86
N ASP J 232 13.11 7.19 16.51
CA ASP J 232 14.41 6.60 16.84
C ASP J 232 14.47 5.23 16.19
N PRO J 233 15.23 5.07 15.10
CA PRO J 233 15.18 3.79 14.36
C PRO J 233 15.55 2.59 15.20
N VAL J 234 16.32 2.78 16.27
CA VAL J 234 16.71 1.65 17.11
C VAL J 234 15.50 1.11 17.84
N TRP J 235 15.32 -0.20 17.76
CA TRP J 235 14.25 -0.86 18.52
C TRP J 235 14.70 -1.09 19.95
N LYS J 236 13.71 -1.18 20.84
CA LYS J 236 13.95 -1.36 22.27
C LYS J 236 13.17 -2.56 22.76
N GLY J 237 13.36 -2.90 24.03
CA GLY J 237 12.69 -4.02 24.64
C GLY J 237 13.67 -4.99 25.28
N PRO J 238 13.15 -6.01 25.94
CA PRO J 238 11.72 -6.33 26.12
C PRO J 238 11.04 -5.44 27.15
N ALA J 239 9.72 -5.31 27.08
CA ALA J 239 8.95 -4.52 28.02
C ALA J 239 7.69 -5.28 28.38
N LYS J 240 7.09 -4.89 29.50
CA LYS J 240 5.88 -5.55 29.97
C LYS J 240 4.65 -4.90 29.34
N LEU J 241 3.77 -5.72 28.77
CA LEU J 241 2.55 -5.23 28.16
C LEU J 241 1.52 -4.96 29.25
N LEU J 242 1.07 -3.70 29.35
CA LEU J 242 0.06 -3.33 30.33
C LEU J 242 -1.34 -3.36 29.75
N TRP J 243 -1.50 -2.92 28.50
CA TRP J 243 -2.82 -2.86 27.90
C TRP J 243 -2.67 -2.95 26.39
N LYS J 244 -3.52 -3.74 25.76
CA LYS J 244 -3.51 -3.91 24.31
C LYS J 244 -4.84 -3.45 23.73
N GLY J 245 -4.78 -2.56 22.75
CA GLY J 245 -5.97 -2.07 22.08
C GLY J 245 -5.89 -2.27 20.59
N GLU J 246 -6.79 -1.63 19.86
CA GLU J 246 -6.77 -1.67 18.40
C GLU J 246 -5.91 -0.52 17.90
N GLY J 247 -4.72 -0.83 17.41
CA GLY J 247 -3.83 0.16 16.86
C GLY J 247 -2.81 0.74 17.83
N ALA J 248 -2.91 0.45 19.12
CA ALA J 248 -1.94 0.94 20.08
C ALA J 248 -1.87 0.00 21.28
N VAL J 249 -0.72 0.04 21.96
CA VAL J 249 -0.49 -0.75 23.16
C VAL J 249 0.24 0.10 24.18
N VAL J 250 -0.18 0.00 25.44
CA VAL J 250 0.47 0.66 26.56
C VAL J 250 1.38 -0.36 27.23
N ILE J 251 2.67 -0.02 27.33
CA ILE J 251 3.70 -0.91 27.84
C ILE J 251 4.49 -0.19 28.92
N GLN J 252 5.21 -0.99 29.71
CA GLN J 252 6.06 -0.48 30.79
C GLN J 252 7.46 -0.99 30.56
N ASP J 253 8.43 -0.07 30.48
CA ASP J 253 9.83 -0.40 30.22
C ASP J 253 10.70 0.27 31.27
N ASN J 254 11.03 -0.47 32.32
CA ASN J 254 11.88 0.03 33.40
C ASN J 254 11.24 1.25 34.07
N SER J 255 10.07 1.03 34.67
CA SER J 255 9.35 2.04 35.42
C SER J 255 8.92 3.21 34.56
N ASP J 256 8.91 3.03 33.24
CA ASP J 256 8.52 4.08 32.29
C ASP J 256 7.38 3.54 31.44
N ILE J 257 6.26 4.26 31.44
CA ILE J 257 5.09 3.86 30.68
C ILE J 257 5.13 4.55 29.32
N LYS J 258 4.88 3.79 28.27
CA LYS J 258 4.85 4.31 26.91
C LYS J 258 3.61 3.80 26.20
N VAL J 259 3.14 4.59 25.24
CA VAL J 259 2.04 4.20 24.36
C VAL J 259 2.60 4.14 22.95
N VAL J 260 2.51 2.96 22.33
CA VAL J 260 3.16 2.70 21.05
C VAL J 260 2.15 2.14 20.07
N PRO J 261 2.05 2.68 18.85
CA PRO J 261 1.16 2.04 17.86
C PRO J 261 1.65 0.64 17.52
N ARG J 262 0.69 -0.24 17.24
CA ARG J 262 1.03 -1.63 16.99
C ARG J 262 1.91 -1.80 15.76
N ARG J 263 1.92 -0.83 14.85
CA ARG J 263 2.86 -0.87 13.74
C ARG J 263 4.30 -0.79 14.21
N LYS J 264 4.54 -0.25 15.40
CA LYS J 264 5.88 -0.06 15.95
C LYS J 264 6.11 -0.91 17.18
N ALA J 265 5.37 -2.01 17.33
CA ALA J 265 5.53 -2.91 18.46
C ALA J 265 5.39 -4.35 17.99
N LYS J 266 6.12 -5.23 18.65
CA LYS J 266 6.04 -6.67 18.42
C LYS J 266 5.86 -7.35 19.76
N ILE J 267 4.82 -8.18 19.87
CA ILE J 267 4.44 -8.84 21.11
C ILE J 267 4.67 -10.34 20.95
N ILE J 268 5.36 -10.94 21.92
CA ILE J 268 5.57 -12.37 21.93
C ILE J 268 4.92 -12.98 23.16
#